data_3NVA
#
_entry.id   3NVA
#
_cell.length_a   43.450
_cell.length_b   76.780
_cell.length_c   98.870
_cell.angle_alpha   100.990
_cell.angle_beta   95.360
_cell.angle_gamma   108.420
#
_symmetry.space_group_name_H-M   'P 1'
#
loop_
_entity.id
_entity.type
_entity.pdbx_description
1 polymer 'CTP synthase'
2 water water
#
_entity_poly.entity_id   1
_entity_poly.type   'polypeptide(L)'
_entity_poly.pdbx_seq_one_letter_code
;MPNKYIVVTGGVLSSVGKGTLVASIGMLLKRRGYNVTAVKIDPYINVDAGTMNPYMHGEVFVTEDGAETDLDLGHYERFM
DVNMTKYNNITAGKVYFEVIKKEREGKYLGQTVQIIPHVTDQIKDMIRYASKINNAEITLVEIGGTVGDIESLPFLEAVR
QLKLEEGEDNVIFVHIALVEYLSVTGELKTKPLQHSVQELRRIGIQPDFIVGRATLPLDDETRRKIALFTNVKVDHIVSS
YDVETSYEVPIILESQKLVSKILSRLKLEDRQVDLTDWISFVNNIKGINSKKTINIALVGKYTKLKDSYISIKEAIYHAS
AYIGVRPKLIWIESTDLESDTKNLNEILGNVNGIIVLPGFGSRGAEGKIKAIKYAREHNIPFLGICFGFQLSIVEFARDV
LGLSEANSTEINPNTKDPVITLLDEQKNVTQLGGTMRLGAQKIILKEGTIAYQLYGKKVVYERHRHRYEVNPKYVDILED
AGLVVSGISENGLVEIIELPSNKFFVATQAHPEFKSRPTNPSPIYLGFIRAVASL
;
_entity_poly.pdbx_strand_id   A,B
#
# COMPACT_ATOMS: atom_id res chain seq x y z
N PRO A 2 -5.86 -29.98 1.19
CA PRO A 2 -5.57 -30.76 -0.01
C PRO A 2 -4.18 -30.41 -0.51
N ASN A 3 -3.88 -29.13 -0.39
CA ASN A 3 -2.56 -28.60 -0.68
C ASN A 3 -1.71 -28.61 0.59
N LYS A 4 -0.45 -29.02 0.44
CA LYS A 4 0.50 -28.89 1.54
C LYS A 4 1.31 -27.59 1.40
N TYR A 5 1.72 -27.01 2.52
CA TYR A 5 2.48 -25.77 2.50
C TYR A 5 3.62 -25.88 3.46
N ILE A 6 4.82 -25.56 2.96
CA ILE A 6 5.98 -25.42 3.81
C ILE A 6 6.41 -23.97 3.81
N VAL A 7 6.26 -23.32 4.97
CA VAL A 7 6.61 -21.92 5.14
C VAL A 7 8.04 -21.81 5.70
N VAL A 8 8.88 -21.06 5.00
CA VAL A 8 10.28 -20.94 5.37
C VAL A 8 10.62 -19.49 5.68
N THR A 9 11.10 -19.29 6.89
CA THR A 9 11.35 -17.96 7.40
C THR A 9 12.82 -17.85 7.82
N GLY A 10 13.28 -16.63 8.07
CA GLY A 10 14.57 -16.41 8.68
C GLY A 10 15.57 -15.76 7.73
N GLY A 11 16.52 -16.56 7.26
CA GLY A 11 17.58 -16.12 6.36
C GLY A 11 17.56 -14.66 5.91
N VAL A 12 17.98 -13.78 6.79
CA VAL A 12 17.90 -12.35 6.55
C VAL A 12 18.66 -11.90 5.29
N LEU A 13 19.42 -12.82 4.69
CA LEU A 13 20.15 -12.52 3.45
C LEU A 13 20.50 -13.74 2.58
N SER A 14 21.36 -13.50 1.59
CA SER A 14 21.72 -14.49 0.57
C SER A 14 22.73 -15.52 1.07
N SER A 15 23.74 -15.04 1.80
CA SER A 15 24.77 -15.93 2.34
C SER A 15 24.18 -16.91 3.35
N VAL A 16 23.08 -16.52 4.00
CA VAL A 16 22.36 -17.41 4.90
C VAL A 16 21.69 -18.56 4.13
N GLY A 17 21.49 -18.36 2.83
CA GLY A 17 21.06 -19.43 1.94
C GLY A 17 19.56 -19.63 1.73
N LYS A 18 18.76 -18.69 2.17
CA LYS A 18 17.31 -18.82 2.04
C LYS A 18 16.95 -19.43 0.70
N GLY A 19 17.18 -18.66 -0.36
CA GLY A 19 16.80 -19.03 -1.71
C GLY A 19 17.11 -20.47 -2.12
N THR A 20 18.31 -20.94 -1.79
CA THR A 20 18.72 -22.25 -2.28
C THR A 20 18.14 -23.35 -1.45
N LEU A 21 18.03 -23.12 -0.15
CA LEU A 21 17.49 -24.14 0.73
C LEU A 21 16.11 -24.52 0.23
N VAL A 22 15.27 -23.50 0.11
CA VAL A 22 13.97 -23.63 -0.49
C VAL A 22 14.08 -24.35 -1.81
N ALA A 23 15.03 -23.93 -2.66
CA ALA A 23 15.16 -24.49 -4.01
C ALA A 23 15.55 -25.95 -3.96
N SER A 24 16.38 -26.32 -2.98
CA SER A 24 16.81 -27.71 -2.82
C SER A 24 15.71 -28.63 -2.33
N ILE A 25 15.02 -28.21 -1.26
CA ILE A 25 13.89 -28.97 -0.75
C ILE A 25 12.88 -29.19 -1.90
N GLY A 26 12.68 -28.15 -2.68
CA GLY A 26 11.80 -28.25 -3.82
C GLY A 26 12.20 -29.42 -4.68
N MET A 27 13.36 -29.30 -5.30
CA MET A 27 13.88 -30.31 -6.21
C MET A 27 13.84 -31.74 -5.64
N LEU A 28 14.06 -31.90 -4.35
CA LEU A 28 14.06 -33.23 -3.74
C LEU A 28 12.65 -33.79 -3.66
N LEU A 29 11.68 -32.91 -3.44
CA LEU A 29 10.29 -33.33 -3.46
C LEU A 29 9.91 -33.76 -4.87
N LYS A 30 10.18 -32.92 -5.85
CA LYS A 30 9.76 -33.18 -7.22
C LYS A 30 10.27 -34.53 -7.70
N ARG A 31 11.45 -34.93 -7.25
CA ARG A 31 12.04 -36.18 -7.72
C ARG A 31 11.30 -37.38 -7.18
N ARG A 32 10.69 -37.23 -6.02
CA ARG A 32 9.73 -38.20 -5.56
C ARG A 32 8.42 -38.06 -6.37
N GLY A 33 7.35 -38.70 -5.95
CA GLY A 33 6.16 -38.70 -6.79
C GLY A 33 5.61 -37.31 -7.11
N TYR A 34 6.06 -36.33 -6.34
CA TYR A 34 5.24 -35.14 -6.06
C TYR A 34 5.26 -33.94 -7.02
N ASN A 35 4.07 -33.37 -7.26
CA ASN A 35 3.92 -32.09 -7.94
C ASN A 35 4.25 -30.97 -6.96
N VAL A 36 5.21 -30.11 -7.32
CA VAL A 36 5.66 -29.10 -6.37
C VAL A 36 5.91 -27.75 -7.01
N THR A 37 5.73 -26.70 -6.22
CA THR A 37 6.12 -25.37 -6.67
C THR A 37 6.76 -24.56 -5.54
N ALA A 38 7.37 -23.43 -5.85
CA ALA A 38 7.91 -22.60 -4.80
C ALA A 38 7.48 -21.16 -5.01
N VAL A 39 7.21 -20.45 -3.92
CA VAL A 39 6.78 -19.06 -4.02
C VAL A 39 7.60 -18.21 -3.10
N LYS A 40 8.11 -17.11 -3.64
CA LYS A 40 8.91 -16.17 -2.89
C LYS A 40 8.10 -14.95 -2.51
N ILE A 41 8.11 -14.60 -1.24
CA ILE A 41 7.46 -13.39 -0.80
C ILE A 41 8.48 -12.32 -0.45
N ASP A 42 8.36 -11.16 -1.08
CA ASP A 42 9.21 -10.01 -0.79
C ASP A 42 8.43 -8.88 -0.13
N PRO A 43 8.60 -8.72 1.18
CA PRO A 43 7.79 -7.78 1.95
C PRO A 43 8.09 -6.31 1.63
N TYR A 44 8.65 -6.07 0.44
CA TYR A 44 8.93 -4.69 0.05
C TYR A 44 7.82 -4.11 -0.83
N ILE A 45 7.85 -2.78 -1.00
CA ILE A 45 6.76 -1.99 -1.60
C ILE A 45 6.83 -1.80 -3.11
N ASN A 46 8.00 -2.09 -3.70
CA ASN A 46 8.17 -2.13 -5.15
C ASN A 46 7.16 -3.14 -5.64
N VAL A 47 6.51 -2.86 -6.76
CA VAL A 47 5.48 -3.73 -7.25
C VAL A 47 6.10 -5.00 -7.82
N ASP A 48 7.20 -4.82 -8.50
CA ASP A 48 7.98 -5.93 -8.99
C ASP A 48 9.44 -5.50 -8.98
N ALA A 49 10.33 -6.31 -9.55
CA ALA A 49 11.76 -5.98 -9.43
C ALA A 49 12.32 -5.15 -10.57
N GLY A 50 11.45 -4.74 -11.50
CA GLY A 50 11.87 -4.09 -12.73
C GLY A 50 12.41 -2.68 -12.62
N THR A 51 12.23 -2.02 -11.48
CA THR A 51 12.76 -0.67 -11.33
C THR A 51 14.09 -0.64 -10.55
N MET A 52 14.56 -1.81 -10.16
CA MET A 52 15.63 -1.90 -9.18
C MET A 52 17.05 -1.99 -9.74
N ASN A 53 17.95 -1.23 -9.11
CA ASN A 53 19.38 -1.27 -9.37
C ASN A 53 19.92 -2.61 -8.90
N PRO A 54 20.50 -3.39 -9.83
CA PRO A 54 21.00 -4.75 -9.54
C PRO A 54 22.18 -4.74 -8.56
N TYR A 55 22.82 -3.59 -8.37
CA TYR A 55 23.71 -3.37 -7.22
C TYR A 55 22.90 -3.31 -5.93
N MET A 56 23.52 -3.63 -4.79
CA MET A 56 22.79 -3.62 -3.52
C MET A 56 21.77 -4.77 -3.41
N HIS A 57 21.08 -5.07 -4.52
CA HIS A 57 19.95 -5.98 -4.48
C HIS A 57 20.18 -7.27 -5.26
N GLY A 58 20.96 -7.17 -6.33
CA GLY A 58 21.20 -8.32 -7.19
C GLY A 58 20.45 -8.32 -8.52
N GLU A 59 20.80 -9.30 -9.35
CA GLU A 59 20.27 -9.44 -10.70
C GLU A 59 18.75 -9.60 -10.69
N VAL A 60 18.09 -8.89 -11.58
CA VAL A 60 16.64 -9.01 -11.77
C VAL A 60 16.37 -10.24 -12.62
N PHE A 61 15.55 -11.15 -12.15
CA PHE A 61 15.22 -12.33 -12.95
C PHE A 61 14.05 -12.06 -13.90
N VAL A 62 14.04 -12.78 -15.01
CA VAL A 62 12.92 -12.69 -15.94
C VAL A 62 12.23 -14.04 -16.17
N THR A 63 10.90 -14.09 -15.98
CA THR A 63 10.17 -15.36 -16.16
C THR A 63 9.84 -15.53 -17.64
N GLU A 64 9.49 -16.74 -18.05
CA GLU A 64 8.93 -16.94 -19.39
C GLU A 64 7.81 -15.92 -19.66
N ASP A 65 6.96 -15.67 -18.65
CA ASP A 65 5.81 -14.77 -18.87
C ASP A 65 6.10 -13.27 -18.87
N GLY A 66 7.35 -12.87 -18.69
CA GLY A 66 7.68 -11.45 -18.79
C GLY A 66 7.67 -10.70 -17.47
N ALA A 67 7.55 -11.44 -16.38
CA ALA A 67 7.70 -10.85 -15.05
C ALA A 67 9.18 -10.52 -14.68
N GLU A 68 9.38 -9.34 -14.09
CA GLU A 68 10.69 -8.92 -13.57
C GLU A 68 10.71 -9.11 -12.05
N THR A 69 11.55 -10.02 -11.57
CA THR A 69 11.32 -10.61 -10.26
C THR A 69 12.57 -10.75 -9.41
N ASP A 70 12.38 -11.23 -8.20
CA ASP A 70 13.49 -11.59 -7.31
C ASP A 70 14.29 -12.75 -7.92
N LEU A 71 15.62 -12.68 -7.76
CA LEU A 71 16.55 -13.67 -8.27
C LEU A 71 16.32 -15.06 -7.70
N ASP A 72 15.67 -15.14 -6.54
CA ASP A 72 15.32 -16.45 -5.98
C ASP A 72 14.52 -17.38 -6.90
N LEU A 73 13.73 -16.81 -7.83
CA LEU A 73 12.97 -17.62 -8.76
C LEU A 73 13.96 -18.34 -9.70
N GLY A 74 15.12 -17.69 -9.92
CA GLY A 74 16.19 -18.29 -10.72
C GLY A 74 16.76 -19.56 -10.12
N HIS A 75 17.01 -19.51 -8.82
CA HIS A 75 17.32 -20.70 -8.04
C HIS A 75 16.21 -21.73 -8.17
N TYR A 76 14.95 -21.29 -8.13
CA TYR A 76 13.93 -22.30 -8.17
C TYR A 76 14.02 -22.97 -9.55
N GLU A 77 14.24 -22.18 -10.60
CA GLU A 77 14.25 -22.75 -11.96
C GLU A 77 15.42 -23.71 -12.12
N ARG A 78 16.61 -23.24 -11.75
CA ARG A 78 17.82 -24.04 -11.85
C ARG A 78 17.76 -25.36 -11.09
N PHE A 79 17.29 -25.34 -9.85
CA PHE A 79 17.15 -26.54 -9.04
C PHE A 79 16.02 -27.52 -9.40
N MET A 80 14.81 -27.02 -9.64
CA MET A 80 13.66 -27.91 -9.80
C MET A 80 13.38 -28.13 -11.25
N ASP A 81 14.01 -27.30 -12.08
CA ASP A 81 13.83 -27.41 -13.50
C ASP A 81 12.36 -27.22 -13.84
N VAL A 82 11.81 -26.07 -13.43
CA VAL A 82 10.50 -25.63 -13.89
C VAL A 82 10.57 -24.20 -14.36
N ASN A 83 9.62 -23.79 -15.18
CA ASN A 83 9.45 -22.37 -15.45
C ASN A 83 8.58 -21.75 -14.40
N MET A 84 9.04 -20.67 -13.81
CA MET A 84 8.25 -19.95 -12.84
C MET A 84 7.29 -18.98 -13.52
N THR A 85 6.35 -18.44 -12.75
CA THR A 85 5.36 -17.54 -13.32
C THR A 85 5.39 -16.27 -12.52
N LYS A 86 4.68 -15.25 -13.02
CA LYS A 86 4.51 -14.00 -12.30
C LYS A 86 3.89 -14.25 -10.92
N TYR A 87 3.11 -15.30 -10.79
CA TYR A 87 2.46 -15.57 -9.52
C TYR A 87 3.41 -16.10 -8.42
N ASN A 88 4.60 -16.54 -8.81
CA ASN A 88 5.52 -17.16 -7.86
C ASN A 88 6.40 -16.15 -7.13
N ASN A 89 6.29 -14.90 -7.52
CA ASN A 89 6.91 -13.83 -6.77
C ASN A 89 5.82 -12.86 -6.25
N ILE A 90 5.50 -12.96 -4.97
CA ILE A 90 4.50 -12.11 -4.34
C ILE A 90 5.14 -10.94 -3.62
N THR A 91 4.84 -9.71 -4.05
CA THR A 91 5.36 -8.51 -3.37
C THR A 91 4.33 -7.70 -2.56
N ALA A 92 4.75 -7.20 -1.40
CA ALA A 92 3.95 -6.26 -0.64
C ALA A 92 3.45 -5.11 -1.52
N GLY A 93 4.26 -4.68 -2.48
CA GLY A 93 3.83 -3.66 -3.44
C GLY A 93 2.59 -4.05 -4.27
N LYS A 94 2.54 -5.30 -4.72
CA LYS A 94 1.46 -5.80 -5.57
C LYS A 94 0.15 -6.08 -4.78
N VAL A 95 0.30 -6.64 -3.59
CA VAL A 95 -0.81 -6.83 -2.68
C VAL A 95 -1.52 -5.52 -2.38
N TYR A 96 -0.76 -4.51 -1.98
CA TYR A 96 -1.32 -3.20 -1.64
C TYR A 96 -1.91 -2.50 -2.87
N PHE A 97 -1.21 -2.59 -3.99
CA PHE A 97 -1.74 -2.00 -5.20
C PHE A 97 -3.14 -2.58 -5.46
N GLU A 98 -3.27 -3.90 -5.41
CA GLU A 98 -4.50 -4.58 -5.76
C GLU A 98 -5.64 -4.27 -4.79
N VAL A 99 -5.32 -4.32 -3.50
CA VAL A 99 -6.29 -4.09 -2.47
C VAL A 99 -6.83 -2.66 -2.57
N ILE A 100 -5.91 -1.72 -2.76
CA ILE A 100 -6.26 -0.32 -2.84
C ILE A 100 -7.14 -0.07 -4.06
N LYS A 101 -6.79 -0.71 -5.17
CA LYS A 101 -7.52 -0.49 -6.41
C LYS A 101 -8.94 -1.04 -6.27
N LYS A 102 -9.04 -2.22 -5.67
CA LYS A 102 -10.32 -2.86 -5.42
C LYS A 102 -11.20 -2.03 -4.49
N GLU A 103 -10.57 -1.35 -3.52
CA GLU A 103 -11.26 -0.44 -2.62
C GLU A 103 -11.80 0.78 -3.36
N ARG A 104 -10.92 1.42 -4.14
CA ARG A 104 -11.33 2.57 -4.95
C ARG A 104 -12.42 2.21 -5.96
N GLU A 105 -12.67 0.91 -6.11
CA GLU A 105 -13.65 0.40 -7.05
C GLU A 105 -14.91 -0.01 -6.29
N GLY A 106 -14.92 0.30 -5.00
CA GLY A 106 -16.04 -0.11 -4.16
C GLY A 106 -16.31 -1.61 -4.18
N LYS A 107 -15.29 -2.41 -4.49
CA LYS A 107 -15.39 -3.86 -4.41
C LYS A 107 -15.55 -4.31 -2.97
N TYR A 108 -15.13 -3.48 -2.02
CA TYR A 108 -15.33 -3.85 -0.62
C TYR A 108 -16.63 -3.28 -0.02
N LEU A 109 -17.60 -2.97 -0.87
CA LEU A 109 -18.99 -2.67 -0.41
C LEU A 109 -19.13 -1.84 0.86
N GLY A 110 -18.54 -0.64 0.90
CA GLY A 110 -18.66 0.27 2.04
C GLY A 110 -17.90 -0.09 3.31
N GLN A 111 -17.22 -1.23 3.34
CA GLN A 111 -16.40 -1.62 4.49
C GLN A 111 -15.17 -0.74 4.70
N THR A 112 -14.76 -0.59 5.95
CA THR A 112 -13.46 0.01 6.25
C THR A 112 -12.35 -1.04 6.08
N VAL A 113 -11.57 -0.91 5.01
CA VAL A 113 -10.62 -1.93 4.59
C VAL A 113 -9.32 -1.93 5.42
N GLN A 114 -8.94 -3.09 5.97
CA GLN A 114 -7.77 -3.13 6.85
C GLN A 114 -6.71 -4.20 6.59
N ILE A 115 -5.53 -4.01 7.18
CA ILE A 115 -4.49 -5.01 7.15
C ILE A 115 -5.18 -6.33 7.44
N ILE A 116 -5.79 -6.40 8.61
CA ILE A 116 -6.63 -7.55 8.94
C ILE A 116 -8.11 -7.16 8.84
N PRO A 117 -8.88 -7.93 8.05
CA PRO A 117 -8.41 -9.09 7.28
C PRO A 117 -8.22 -8.83 5.80
N HIS A 118 -8.33 -7.60 5.30
CA HIS A 118 -8.36 -7.49 3.85
C HIS A 118 -7.00 -7.75 3.18
N VAL A 119 -5.93 -7.24 3.76
CA VAL A 119 -4.58 -7.46 3.27
C VAL A 119 -4.16 -8.93 3.41
N THR A 120 -4.32 -9.48 4.61
CA THR A 120 -4.00 -10.88 4.85
C THR A 120 -4.82 -11.82 3.99
N ASP A 121 -6.01 -11.37 3.59
CA ASP A 121 -6.84 -12.18 2.71
C ASP A 121 -6.25 -12.16 1.32
N GLN A 122 -5.85 -10.96 0.87
CA GLN A 122 -5.24 -10.82 -0.44
C GLN A 122 -3.99 -11.74 -0.55
N ILE A 123 -3.17 -11.73 0.49
CA ILE A 123 -1.97 -12.54 0.50
C ILE A 123 -2.33 -14.02 0.43
N LYS A 124 -3.36 -14.43 1.16
CA LYS A 124 -3.78 -15.84 1.14
C LYS A 124 -4.24 -16.25 -0.24
N ASP A 125 -5.09 -15.41 -0.83
CA ASP A 125 -5.52 -15.60 -2.21
C ASP A 125 -4.36 -15.80 -3.19
N MET A 126 -3.35 -14.95 -3.10
CA MET A 126 -2.17 -15.04 -3.96
C MET A 126 -1.36 -16.32 -3.73
N ILE A 127 -1.09 -16.63 -2.46
CA ILE A 127 -0.44 -17.90 -2.16
C ILE A 127 -1.30 -19.03 -2.74
N ARG A 128 -2.60 -19.04 -2.44
CA ARG A 128 -3.42 -20.13 -2.94
C ARG A 128 -3.44 -20.18 -4.47
N TYR A 129 -3.45 -19.01 -5.09
CA TYR A 129 -3.46 -18.97 -6.55
C TYR A 129 -2.18 -19.55 -7.17
N ALA A 130 -1.05 -19.27 -6.55
CA ALA A 130 0.21 -19.80 -7.06
C ALA A 130 0.14 -21.33 -7.08
N SER A 131 -0.35 -21.90 -5.99
CA SER A 131 -0.60 -23.33 -5.87
C SER A 131 -1.33 -23.93 -7.07
N LYS A 132 -2.50 -23.37 -7.40
CA LYS A 132 -3.37 -24.03 -8.37
C LYS A 132 -2.97 -23.79 -9.83
N ILE A 133 -2.60 -22.56 -10.17
CA ILE A 133 -2.17 -22.29 -11.54
C ILE A 133 -0.92 -23.11 -11.88
N ASN A 134 -0.09 -23.40 -10.87
CA ASN A 134 1.03 -24.33 -11.06
C ASN A 134 0.66 -25.81 -10.90
N ASN A 135 -0.42 -26.09 -10.17
CA ASN A 135 -0.97 -27.44 -10.04
C ASN A 135 -0.23 -28.28 -9.01
N ALA A 136 0.08 -27.66 -7.88
CA ALA A 136 0.92 -28.29 -6.87
C ALA A 136 0.12 -28.96 -5.76
N GLU A 137 0.67 -30.07 -5.25
CA GLU A 137 0.18 -30.72 -4.04
C GLU A 137 0.96 -30.18 -2.87
N ILE A 138 2.13 -29.64 -3.15
CA ILE A 138 2.95 -29.01 -2.13
C ILE A 138 3.49 -27.69 -2.64
N THR A 139 3.52 -26.71 -1.76
CA THR A 139 3.94 -25.37 -2.14
C THR A 139 4.85 -24.84 -1.08
N LEU A 140 6.06 -24.51 -1.50
CA LEU A 140 7.01 -23.85 -0.65
C LEU A 140 6.72 -22.37 -0.68
N VAL A 141 6.59 -21.79 0.50
CA VAL A 141 6.35 -20.37 0.59
C VAL A 141 7.57 -19.80 1.28
N GLU A 142 8.39 -19.08 0.53
CA GLU A 142 9.59 -18.48 1.09
C GLU A 142 9.29 -17.05 1.49
N ILE A 143 9.43 -16.78 2.77
CA ILE A 143 9.15 -15.45 3.25
C ILE A 143 10.41 -14.69 3.57
N GLY A 144 10.74 -13.74 2.70
CA GLY A 144 11.91 -12.91 2.90
C GLY A 144 11.80 -12.00 4.10
N GLY A 145 12.83 -11.19 4.31
CA GLY A 145 12.89 -10.26 5.42
C GLY A 145 13.20 -10.86 6.79
N THR A 146 13.09 -10.03 7.80
CA THR A 146 13.38 -10.43 9.16
C THR A 146 12.11 -10.64 10.00
N VAL A 147 11.92 -11.84 10.52
CA VAL A 147 10.78 -12.12 11.37
C VAL A 147 10.71 -11.13 12.53
N GLY A 148 9.53 -10.54 12.75
CA GLY A 148 9.38 -9.52 13.77
C GLY A 148 9.52 -8.09 13.29
N ASP A 149 9.91 -7.90 12.04
CA ASP A 149 9.91 -6.57 11.45
C ASP A 149 8.51 -6.24 10.90
N ILE A 150 8.20 -4.93 10.74
CA ILE A 150 6.85 -4.47 10.37
C ILE A 150 6.42 -5.01 9.02
N GLU A 151 7.25 -4.82 8.02
CA GLU A 151 6.97 -5.21 6.63
C GLU A 151 6.62 -6.68 6.49
N SER A 152 7.01 -7.48 7.47
CA SER A 152 6.83 -8.92 7.44
C SER A 152 5.50 -9.36 8.09
N LEU A 153 5.06 -8.61 9.09
CA LEU A 153 3.92 -9.02 9.91
C LEU A 153 2.73 -9.56 9.11
N PRO A 154 2.26 -8.76 8.15
CA PRO A 154 1.05 -9.14 7.44
C PRO A 154 1.21 -10.50 6.80
N PHE A 155 2.42 -10.81 6.35
CA PHE A 155 2.68 -12.10 5.73
C PHE A 155 2.79 -13.18 6.79
N LEU A 156 3.44 -12.87 7.89
CA LEU A 156 3.46 -13.85 8.98
C LEU A 156 2.04 -14.12 9.47
N GLU A 157 1.28 -13.05 9.67
CA GLU A 157 -0.12 -13.16 10.11
C GLU A 157 -0.91 -14.01 9.13
N ALA A 158 -0.62 -13.85 7.85
CA ALA A 158 -1.33 -14.56 6.80
C ALA A 158 -0.98 -16.05 6.78
N VAL A 159 0.24 -16.36 7.17
CA VAL A 159 0.68 -17.74 7.16
C VAL A 159 0.23 -18.45 8.43
N ARG A 160 0.09 -17.69 9.51
CA ARG A 160 -0.56 -18.22 10.72
C ARG A 160 -1.99 -18.61 10.43
N GLN A 161 -2.71 -17.71 9.78
CA GLN A 161 -4.10 -17.95 9.46
C GLN A 161 -4.16 -19.12 8.51
N LEU A 162 -3.20 -19.18 7.60
CA LEU A 162 -3.15 -20.23 6.61
C LEU A 162 -3.11 -21.57 7.30
N LYS A 163 -2.39 -21.62 8.41
CA LYS A 163 -2.25 -22.84 9.18
C LYS A 163 -3.54 -23.17 9.94
N LEU A 164 -3.94 -22.31 10.88
CA LEU A 164 -5.11 -22.62 11.71
C LEU A 164 -6.31 -23.01 10.85
N GLU A 165 -6.29 -22.60 9.59
CA GLU A 165 -7.31 -23.01 8.63
C GLU A 165 -7.21 -24.48 8.21
N GLU A 166 -6.18 -24.83 7.43
CA GLU A 166 -6.09 -26.17 6.79
C GLU A 166 -5.52 -27.30 7.65
N GLY A 167 -4.80 -26.94 8.71
CA GLY A 167 -4.37 -27.96 9.66
C GLY A 167 -2.87 -28.14 9.81
N GLU A 168 -2.47 -28.51 11.03
CA GLU A 168 -1.08 -28.74 11.36
C GLU A 168 -0.44 -29.84 10.49
N ASP A 169 -1.26 -30.52 9.70
CA ASP A 169 -0.80 -31.62 8.88
C ASP A 169 -0.62 -31.18 7.42
N ASN A 170 -0.94 -29.92 7.14
CA ASN A 170 -0.84 -29.38 5.79
C ASN A 170 0.04 -28.13 5.70
N VAL A 171 0.43 -27.60 6.86
CA VAL A 171 1.20 -26.36 6.92
C VAL A 171 2.25 -26.46 8.01
N ILE A 172 3.53 -26.36 7.62
CA ILE A 172 4.63 -26.44 8.57
C ILE A 172 5.55 -25.22 8.49
N PHE A 173 6.42 -25.10 9.47
CA PHE A 173 7.31 -23.96 9.51
C PHE A 173 8.76 -24.37 9.66
N VAL A 174 9.54 -24.11 8.61
CA VAL A 174 10.98 -24.24 8.67
C VAL A 174 11.61 -22.88 8.89
N HIS A 175 12.27 -22.74 10.03
CA HIS A 175 13.01 -21.50 10.28
C HIS A 175 14.54 -21.65 10.16
N ILE A 176 15.17 -20.76 9.37
CA ILE A 176 16.62 -20.76 9.21
C ILE A 176 17.31 -19.76 10.15
N ALA A 177 18.08 -20.27 11.11
CA ALA A 177 18.79 -19.40 12.04
C ALA A 177 20.29 -19.40 11.80
N LEU A 178 20.87 -18.20 11.77
CA LEU A 178 22.30 -18.04 11.64
C LEU A 178 23.01 -18.38 12.94
N VAL A 179 23.51 -19.61 13.03
CA VAL A 179 24.32 -20.05 14.17
C VAL A 179 25.75 -19.53 14.06
N GLU A 180 26.20 -18.85 15.10
CA GLU A 180 27.46 -18.13 15.02
C GLU A 180 28.06 -17.97 16.42
N TYR A 181 28.99 -18.86 16.76
CA TYR A 181 29.64 -18.84 18.06
C TYR A 181 30.48 -17.58 18.22
N LEU A 182 30.40 -16.99 19.42
CA LEU A 182 31.07 -15.72 19.71
C LEU A 182 32.53 -15.70 19.25
N SER A 183 33.10 -14.51 19.19
CA SER A 183 34.43 -14.32 18.62
C SER A 183 35.52 -15.11 19.35
N VAL A 184 35.56 -14.98 20.67
CA VAL A 184 36.67 -15.57 21.42
C VAL A 184 36.22 -16.24 22.72
N THR A 185 35.57 -17.39 22.59
CA THR A 185 35.23 -18.23 23.75
C THR A 185 34.67 -19.59 23.34
N GLY A 186 34.26 -19.70 22.07
CA GLY A 186 33.74 -20.95 21.54
C GLY A 186 32.25 -21.17 21.72
N GLU A 187 31.67 -20.58 22.75
CA GLU A 187 30.23 -20.68 22.97
C GLU A 187 29.48 -19.73 22.04
N LEU A 188 28.26 -20.10 21.66
CA LEU A 188 27.53 -19.41 20.60
C LEU A 188 26.71 -18.22 21.07
N LYS A 189 26.71 -17.15 20.28
CA LYS A 189 25.88 -15.99 20.58
C LYS A 189 24.42 -16.26 20.15
N THR A 190 23.61 -16.71 21.11
CA THR A 190 22.19 -16.99 20.87
C THR A 190 21.32 -15.73 20.83
N LYS A 191 21.90 -14.59 21.16
CA LYS A 191 21.12 -13.35 21.28
C LYS A 191 20.09 -13.14 20.16
N PRO A 192 20.52 -13.08 18.88
CA PRO A 192 19.56 -12.94 17.78
C PRO A 192 18.63 -14.14 17.64
N LEU A 193 19.13 -15.33 17.95
CA LEU A 193 18.36 -16.55 17.84
C LEU A 193 17.19 -16.55 18.83
N GLN A 194 17.49 -16.35 20.10
CA GLN A 194 16.44 -16.33 21.12
C GLN A 194 15.48 -15.19 20.81
N HIS A 195 16.03 -14.09 20.30
CA HIS A 195 15.20 -12.94 19.98
C HIS A 195 14.23 -13.22 18.84
N SER A 196 14.54 -14.22 18.01
CA SER A 196 13.70 -14.56 16.87
C SER A 196 12.59 -15.53 17.24
N VAL A 197 12.93 -16.56 17.97
CA VAL A 197 11.91 -17.52 18.35
C VAL A 197 10.94 -16.78 19.27
N GLN A 198 11.37 -15.64 19.81
CA GLN A 198 10.51 -14.78 20.62
C GLN A 198 9.58 -13.94 19.75
N GLU A 199 10.10 -13.46 18.63
CA GLU A 199 9.33 -12.65 17.70
C GLU A 199 8.25 -13.48 17.00
N LEU A 200 8.48 -14.80 16.96
CA LEU A 200 7.55 -15.74 16.35
C LEU A 200 6.38 -16.12 17.27
N ARG A 201 6.65 -16.38 18.55
CA ARG A 201 5.55 -16.68 19.45
C ARG A 201 4.63 -15.47 19.63
N ARG A 202 5.22 -14.28 19.74
CA ARG A 202 4.44 -13.05 19.81
C ARG A 202 3.48 -12.99 18.63
N ILE A 203 3.93 -13.51 17.49
CA ILE A 203 3.12 -13.58 16.27
C ILE A 203 2.29 -14.86 16.22
N GLY A 204 2.58 -15.79 17.13
CA GLY A 204 1.88 -17.05 17.15
C GLY A 204 2.27 -18.01 16.02
N ILE A 205 3.57 -18.19 15.84
CA ILE A 205 4.08 -19.19 14.89
C ILE A 205 5.08 -20.10 15.58
N GLN A 206 4.76 -21.40 15.60
CA GLN A 206 5.65 -22.41 16.15
C GLN A 206 6.44 -23.09 15.02
N PRO A 207 7.77 -22.87 14.98
CA PRO A 207 8.61 -23.57 14.00
C PRO A 207 8.51 -25.08 14.21
N ASP A 208 8.54 -25.81 13.12
CA ASP A 208 8.58 -27.27 13.15
C ASP A 208 9.99 -27.83 12.93
N PHE A 209 10.74 -27.27 11.98
CA PHE A 209 12.14 -27.66 11.82
C PHE A 209 13.05 -26.44 11.86
N ILE A 210 14.23 -26.61 12.40
CA ILE A 210 15.20 -25.54 12.31
C ILE A 210 16.29 -25.97 11.32
N VAL A 211 16.91 -24.96 10.72
CA VAL A 211 18.12 -25.14 9.95
C VAL A 211 19.05 -24.09 10.50
N GLY A 212 20.14 -24.56 11.11
CA GLY A 212 21.16 -23.67 11.61
C GLY A 212 22.22 -23.46 10.56
N ARG A 213 22.30 -22.25 10.03
CA ARG A 213 23.33 -21.93 9.06
C ARG A 213 24.62 -21.60 9.80
N ALA A 214 25.67 -22.34 9.49
CA ALA A 214 26.95 -22.17 10.17
C ALA A 214 28.05 -22.58 9.23
N THR A 215 29.28 -22.22 9.57
CA THR A 215 30.41 -22.62 8.75
C THR A 215 30.52 -24.14 8.78
N LEU A 216 30.72 -24.67 9.97
CA LEU A 216 30.88 -26.11 10.12
C LEU A 216 29.53 -26.76 10.49
N PRO A 217 29.42 -28.08 10.33
CA PRO A 217 28.19 -28.73 10.79
C PRO A 217 28.01 -28.48 12.28
N LEU A 218 26.81 -28.70 12.78
CA LEU A 218 26.51 -28.42 14.17
C LEU A 218 26.89 -29.61 15.00
N ASP A 219 27.58 -29.37 16.11
CA ASP A 219 27.94 -30.46 17.03
C ASP A 219 26.72 -30.94 17.84
N ASP A 220 26.90 -32.02 18.59
CA ASP A 220 25.85 -32.58 19.43
C ASP A 220 25.37 -31.57 20.46
N GLU A 221 26.32 -30.84 21.04
CA GLU A 221 25.99 -29.85 22.07
C GLU A 221 25.17 -28.65 21.56
N THR A 222 25.65 -27.95 20.54
CA THR A 222 25.07 -26.66 20.15
C THR A 222 23.68 -26.76 19.52
N ARG A 223 23.40 -27.88 18.86
CA ARG A 223 22.11 -28.05 18.25
C ARG A 223 21.07 -28.37 19.33
N ARG A 224 21.44 -29.26 20.23
CA ARG A 224 20.60 -29.60 21.36
C ARG A 224 20.12 -28.33 22.04
N LYS A 225 21.02 -27.36 22.13
CA LYS A 225 20.72 -26.12 22.85
C LYS A 225 19.68 -25.26 22.12
N ILE A 226 19.90 -24.97 20.85
CA ILE A 226 18.92 -24.17 20.13
C ILE A 226 17.59 -24.92 20.06
N ALA A 227 17.64 -26.24 20.24
CA ALA A 227 16.40 -27.03 20.29
C ALA A 227 15.51 -26.57 21.44
N LEU A 228 16.14 -26.21 22.55
CA LEU A 228 15.44 -25.69 23.71
C LEU A 228 14.94 -24.28 23.43
N PHE A 229 15.87 -23.35 23.19
CA PHE A 229 15.54 -21.96 22.89
C PHE A 229 14.29 -21.84 22.03
N THR A 230 14.11 -22.80 21.12
CA THR A 230 13.08 -22.70 20.11
C THR A 230 11.99 -23.73 20.28
N ASN A 231 12.16 -24.59 21.27
CA ASN A 231 11.12 -25.56 21.56
C ASN A 231 10.90 -26.48 20.36
N VAL A 232 11.97 -27.09 19.88
CA VAL A 232 11.86 -27.99 18.75
C VAL A 232 12.61 -29.29 19.07
N LYS A 233 12.03 -30.41 18.64
CA LYS A 233 12.66 -31.71 18.86
C LYS A 233 13.98 -31.74 18.11
N VAL A 234 15.04 -32.13 18.80
CA VAL A 234 16.38 -32.22 18.21
C VAL A 234 16.40 -32.96 16.86
N ASP A 235 15.67 -34.06 16.79
CA ASP A 235 15.54 -34.85 15.57
C ASP A 235 15.08 -33.99 14.39
N HIS A 236 14.63 -32.79 14.67
CA HIS A 236 14.10 -31.91 13.64
C HIS A 236 14.98 -30.69 13.43
N ILE A 237 16.14 -30.67 14.07
CA ILE A 237 17.10 -29.61 13.84
C ILE A 237 18.15 -30.13 12.88
N VAL A 238 18.53 -29.32 11.91
CA VAL A 238 19.37 -29.81 10.82
C VAL A 238 20.39 -28.75 10.38
N SER A 239 21.57 -29.23 9.94
CA SER A 239 22.71 -28.34 9.66
C SER A 239 22.83 -27.85 8.22
N SER A 240 22.99 -26.55 8.05
CA SER A 240 23.37 -25.95 6.77
C SER A 240 24.76 -25.29 6.89
N TYR A 241 25.77 -25.97 6.33
CA TYR A 241 27.17 -25.50 6.43
C TYR A 241 27.79 -25.16 5.08
N ASP A 242 28.84 -24.35 5.12
CA ASP A 242 29.51 -23.91 3.89
C ASP A 242 29.90 -25.10 3.06
N VAL A 243 29.59 -24.99 1.78
CA VAL A 243 29.96 -25.94 0.76
C VAL A 243 30.55 -25.15 -0.39
N GLU A 244 31.30 -25.84 -1.25
CA GLU A 244 31.96 -25.22 -2.38
C GLU A 244 30.93 -24.71 -3.34
N THR A 245 29.89 -25.50 -3.58
CA THR A 245 28.80 -25.11 -4.48
C THR A 245 27.41 -25.37 -3.88
N SER A 246 26.53 -24.40 -4.02
CA SER A 246 25.16 -24.53 -3.53
C SER A 246 24.47 -25.80 -4.06
N TYR A 247 24.88 -26.24 -5.26
CA TYR A 247 24.39 -27.49 -5.85
C TYR A 247 24.70 -28.69 -4.95
N GLU A 248 25.55 -28.48 -3.96
CA GLU A 248 25.81 -29.51 -2.96
C GLU A 248 24.71 -29.63 -1.91
N VAL A 249 23.97 -28.53 -1.69
CA VAL A 249 22.98 -28.46 -0.62
C VAL A 249 21.95 -29.60 -0.63
N PRO A 250 21.43 -29.94 -1.82
CA PRO A 250 20.48 -31.04 -1.82
C PRO A 250 21.10 -32.28 -1.21
N ILE A 251 22.28 -32.62 -1.69
CA ILE A 251 23.02 -33.75 -1.19
C ILE A 251 23.12 -33.75 0.34
N ILE A 252 23.61 -32.67 0.93
CA ILE A 252 23.78 -32.68 2.38
C ILE A 252 22.44 -32.78 3.11
N LEU A 253 21.36 -32.39 2.45
CA LEU A 253 20.02 -32.50 3.02
C LEU A 253 19.50 -33.94 2.95
N GLU A 254 19.87 -34.64 1.87
CA GLU A 254 19.54 -36.06 1.72
C GLU A 254 20.34 -36.94 2.66
N SER A 255 21.53 -36.50 3.03
CA SER A 255 22.33 -37.22 4.01
C SER A 255 21.63 -37.10 5.36
N GLN A 256 21.19 -35.88 5.68
CA GLN A 256 20.52 -35.60 6.93
C GLN A 256 19.02 -35.97 6.87
N LYS A 257 18.55 -36.31 5.67
CA LYS A 257 17.20 -36.83 5.49
C LYS A 257 16.12 -35.84 5.92
N LEU A 258 16.44 -34.55 5.82
CA LEU A 258 15.47 -33.51 6.13
C LEU A 258 14.13 -33.71 5.42
N VAL A 259 14.17 -33.89 4.10
CA VAL A 259 12.95 -34.02 3.35
C VAL A 259 12.14 -35.25 3.79
N SER A 260 12.83 -36.29 4.26
CA SER A 260 12.11 -37.46 4.77
C SER A 260 11.38 -37.19 6.09
N LYS A 261 12.01 -36.38 6.94
CA LYS A 261 11.44 -35.98 8.21
C LYS A 261 10.24 -35.09 7.94
N ILE A 262 10.36 -34.29 6.90
CA ILE A 262 9.32 -33.37 6.52
C ILE A 262 8.11 -34.13 6.00
N LEU A 263 8.36 -35.09 5.12
CA LEU A 263 7.29 -35.78 4.39
C LEU A 263 6.33 -36.42 5.38
N SER A 264 6.90 -36.95 6.47
CA SER A 264 6.11 -37.55 7.53
C SER A 264 5.24 -36.52 8.24
N ARG A 265 5.89 -35.53 8.85
CA ARG A 265 5.21 -34.50 9.60
C ARG A 265 4.02 -33.96 8.82
N LEU A 266 3.99 -34.24 7.52
CA LEU A 266 2.90 -33.87 6.63
C LEU A 266 2.04 -35.06 6.23
N LYS A 267 2.34 -36.23 6.79
CA LYS A 267 1.57 -37.44 6.51
C LYS A 267 1.47 -37.72 5.02
N LEU A 268 2.61 -37.88 4.36
CA LEU A 268 2.66 -38.28 2.96
C LEU A 268 3.68 -39.42 2.80
N GLU A 269 3.57 -40.21 1.74
CA GLU A 269 4.49 -41.33 1.61
C GLU A 269 4.95 -41.66 0.20
N ASP A 270 6.27 -41.62 0.03
CA ASP A 270 6.94 -42.01 -1.20
C ASP A 270 8.43 -42.08 -0.87
N ARG A 271 9.25 -42.44 -1.85
CA ARG A 271 10.70 -42.47 -1.66
C ARG A 271 11.38 -42.93 -2.93
N GLN A 272 12.47 -43.67 -2.76
CA GLN A 272 13.35 -44.04 -3.86
C GLN A 272 13.56 -42.85 -4.77
N VAL A 273 14.54 -42.03 -4.41
CA VAL A 273 14.95 -40.90 -5.22
C VAL A 273 16.35 -41.17 -5.71
N ASP A 274 16.58 -40.96 -7.00
CA ASP A 274 17.92 -41.15 -7.48
C ASP A 274 18.59 -39.82 -7.76
N LEU A 275 19.68 -39.56 -7.04
CA LEU A 275 20.47 -38.35 -7.23
C LEU A 275 21.76 -38.63 -8.02
N THR A 276 21.94 -39.90 -8.40
CA THR A 276 23.13 -40.31 -9.12
C THR A 276 23.43 -39.38 -10.31
N ASP A 277 22.37 -38.97 -11.00
CA ASP A 277 22.50 -38.05 -12.13
C ASP A 277 22.90 -36.66 -11.65
N TRP A 278 22.59 -36.37 -10.40
CA TRP A 278 22.83 -35.04 -9.85
C TRP A 278 24.20 -34.99 -9.17
N ILE A 279 24.57 -36.10 -8.58
CA ILE A 279 25.88 -36.26 -7.99
C ILE A 279 26.94 -36.05 -9.07
N SER A 280 26.76 -36.72 -10.19
CA SER A 280 27.67 -36.56 -11.31
C SER A 280 27.79 -35.13 -11.78
N PHE A 281 26.66 -34.45 -11.94
CA PHE A 281 26.66 -33.04 -12.32
C PHE A 281 27.41 -32.21 -11.30
N VAL A 282 27.26 -32.54 -10.02
CA VAL A 282 27.96 -31.82 -8.96
C VAL A 282 29.49 -32.01 -9.06
N ASN A 283 29.91 -33.25 -9.29
CA ASN A 283 31.34 -33.54 -9.45
C ASN A 283 31.97 -32.76 -10.59
N ASN A 284 31.26 -32.66 -11.71
CA ASN A 284 31.77 -31.84 -12.82
C ASN A 284 31.95 -30.39 -12.39
N ILE A 285 30.96 -29.86 -11.67
CA ILE A 285 31.02 -28.52 -11.11
C ILE A 285 32.21 -28.34 -10.19
N LYS A 286 32.54 -29.37 -9.41
CA LYS A 286 33.68 -29.26 -8.51
C LYS A 286 35.06 -29.51 -9.24
N GLY A 287 35.00 -29.85 -10.52
CA GLY A 287 36.21 -29.99 -11.33
C GLY A 287 36.86 -31.36 -11.33
N ILE A 288 36.21 -32.33 -10.71
CA ILE A 288 36.69 -33.70 -10.68
C ILE A 288 36.73 -34.26 -12.10
N ASN A 289 37.90 -34.68 -12.54
CA ASN A 289 38.12 -35.18 -13.91
C ASN A 289 38.12 -34.06 -14.96
N SER A 290 38.39 -32.84 -14.51
CA SER A 290 38.47 -31.70 -15.40
C SER A 290 39.52 -31.89 -16.51
N LYS A 291 39.12 -31.58 -17.74
CA LYS A 291 39.97 -31.74 -18.91
C LYS A 291 40.96 -30.61 -19.05
N LYS A 292 40.59 -29.44 -18.53
CA LYS A 292 41.47 -28.28 -18.52
C LYS A 292 40.80 -27.10 -17.84
N THR A 293 41.56 -26.07 -17.52
CA THR A 293 41.01 -24.84 -16.99
C THR A 293 40.97 -23.77 -18.08
N ILE A 294 39.87 -23.01 -18.13
CA ILE A 294 39.72 -21.93 -19.09
C ILE A 294 39.37 -20.62 -18.38
N ASN A 295 40.00 -19.54 -18.81
CA ASN A 295 39.87 -18.25 -18.16
C ASN A 295 38.92 -17.37 -18.95
N ILE A 296 37.90 -16.85 -18.28
CA ILE A 296 36.92 -16.03 -18.96
C ILE A 296 36.92 -14.66 -18.34
N ALA A 297 37.03 -13.64 -19.18
CA ALA A 297 36.89 -12.27 -18.68
C ALA A 297 35.42 -11.86 -18.72
N LEU A 298 34.95 -11.24 -17.65
CA LEU A 298 33.62 -10.66 -17.65
C LEU A 298 33.70 -9.15 -17.40
N VAL A 299 33.30 -8.40 -18.42
CA VAL A 299 33.48 -6.97 -18.43
C VAL A 299 32.15 -6.27 -18.23
N GLY A 300 32.07 -5.44 -17.19
CA GLY A 300 30.86 -4.71 -16.91
C GLY A 300 30.99 -3.97 -15.59
N LYS A 301 29.87 -3.60 -15.01
CA LYS A 301 29.92 -2.97 -13.71
C LYS A 301 29.36 -3.89 -12.63
N TYR A 302 29.56 -3.52 -11.38
CA TYR A 302 29.02 -4.24 -10.23
C TYR A 302 29.68 -5.60 -10.04
N THR A 303 30.85 -5.81 -10.63
CA THR A 303 31.48 -7.13 -10.67
C THR A 303 31.92 -7.67 -9.32
N LYS A 304 31.94 -6.80 -8.32
CA LYS A 304 32.34 -7.15 -6.95
C LYS A 304 31.21 -7.76 -6.11
N LEU A 305 29.96 -7.50 -6.46
CA LEU A 305 28.85 -8.18 -5.79
C LEU A 305 28.64 -9.58 -6.37
N LYS A 306 28.45 -10.56 -5.49
CA LYS A 306 28.27 -11.95 -5.89
C LYS A 306 27.13 -12.17 -6.88
N ASP A 307 25.93 -11.69 -6.53
CA ASP A 307 24.72 -12.09 -7.24
C ASP A 307 24.19 -11.14 -8.29
N SER A 308 24.99 -10.13 -8.66
CA SER A 308 24.58 -9.19 -9.70
C SER A 308 24.40 -9.81 -11.10
N TYR A 309 25.02 -10.95 -11.35
CA TYR A 309 24.98 -11.60 -12.65
C TYR A 309 24.96 -13.11 -12.44
N ILE A 310 24.26 -13.50 -11.37
CA ILE A 310 24.27 -14.88 -10.92
C ILE A 310 23.99 -15.90 -12.02
N SER A 311 23.05 -15.56 -12.92
CA SER A 311 22.57 -16.47 -13.96
C SER A 311 23.56 -16.64 -15.10
N ILE A 312 24.22 -15.53 -15.45
CA ILE A 312 25.32 -15.60 -16.39
C ILE A 312 26.37 -16.56 -15.83
N LYS A 313 26.69 -16.47 -14.55
CA LYS A 313 27.68 -17.40 -13.98
C LYS A 313 27.24 -18.85 -14.05
N GLU A 314 26.02 -19.10 -13.59
CA GLU A 314 25.46 -20.46 -13.55
C GLU A 314 25.43 -21.07 -14.93
N ALA A 315 25.04 -20.25 -15.90
CA ALA A 315 25.07 -20.68 -17.29
C ALA A 315 26.50 -21.12 -17.70
N ILE A 316 27.48 -20.26 -17.47
CA ILE A 316 28.88 -20.63 -17.56
C ILE A 316 29.20 -21.95 -16.83
N TYR A 317 28.88 -22.04 -15.54
CA TYR A 317 29.08 -23.30 -14.85
C TYR A 317 28.36 -24.52 -15.48
N HIS A 318 27.12 -24.34 -15.92
CA HIS A 318 26.37 -25.46 -16.46
C HIS A 318 27.02 -25.99 -17.74
N ALA A 319 27.36 -25.06 -18.64
CA ALA A 319 28.03 -25.44 -19.90
C ALA A 319 29.44 -26.02 -19.67
N SER A 320 30.22 -25.40 -18.78
CA SER A 320 31.57 -25.91 -18.45
C SER A 320 31.54 -27.31 -17.88
N ALA A 321 30.61 -27.54 -16.95
CA ALA A 321 30.51 -28.83 -16.30
C ALA A 321 30.11 -29.88 -17.32
N TYR A 322 29.24 -29.50 -18.23
CA TYR A 322 28.77 -30.39 -19.28
C TYR A 322 29.92 -30.89 -20.16
N ILE A 323 30.78 -29.99 -20.62
CA ILE A 323 31.85 -30.40 -21.50
C ILE A 323 33.12 -30.75 -20.72
N GLY A 324 32.98 -30.74 -19.39
CA GLY A 324 33.97 -31.26 -18.48
C GLY A 324 35.19 -30.37 -18.28
N VAL A 325 34.97 -29.07 -18.18
CA VAL A 325 36.07 -28.11 -18.10
C VAL A 325 35.93 -27.20 -16.87
N ARG A 326 37.05 -26.63 -16.42
CA ARG A 326 37.08 -25.81 -15.21
C ARG A 326 37.22 -24.31 -15.49
N PRO A 327 36.13 -23.56 -15.30
CA PRO A 327 36.14 -22.12 -15.56
C PRO A 327 36.71 -21.27 -14.42
N LYS A 328 37.46 -20.26 -14.78
CA LYS A 328 37.88 -19.26 -13.83
C LYS A 328 37.41 -17.94 -14.36
N LEU A 329 36.67 -17.22 -13.54
CA LEU A 329 36.09 -15.96 -13.99
C LEU A 329 37.00 -14.82 -13.62
N ILE A 330 37.28 -13.99 -14.61
CA ILE A 330 38.08 -12.81 -14.39
C ILE A 330 37.13 -11.65 -14.49
N TRP A 331 36.82 -11.07 -13.34
CA TRP A 331 35.92 -9.93 -13.29
C TRP A 331 36.73 -8.67 -13.57
N ILE A 332 36.20 -7.85 -14.44
CA ILE A 332 36.90 -6.68 -14.90
C ILE A 332 35.93 -5.51 -14.94
N GLU A 333 36.08 -4.57 -14.01
CA GLU A 333 35.30 -3.35 -14.10
C GLU A 333 35.66 -2.74 -15.44
N SER A 334 34.65 -2.29 -16.17
CA SER A 334 34.89 -1.76 -17.51
C SER A 334 35.60 -0.41 -17.49
N THR A 335 35.62 0.27 -16.35
CA THR A 335 36.34 1.54 -16.22
C THR A 335 37.86 1.30 -16.24
N ASP A 336 38.29 0.16 -15.71
CA ASP A 336 39.70 -0.21 -15.68
C ASP A 336 40.26 -0.38 -17.08
N LEU A 337 39.43 -0.17 -18.10
CA LEU A 337 39.86 -0.34 -19.48
C LEU A 337 39.72 0.96 -20.28
N GLU A 338 39.08 1.96 -19.70
CA GLU A 338 39.00 3.27 -20.34
C GLU A 338 40.33 3.98 -20.11
N SER A 339 41.19 3.92 -21.12
CA SER A 339 42.54 4.41 -20.94
C SER A 339 43.31 4.44 -22.25
N ASP A 340 43.46 5.66 -22.78
CA ASP A 340 44.22 5.93 -23.99
C ASP A 340 45.70 5.67 -23.69
N THR A 341 45.94 5.19 -22.48
CA THR A 341 47.27 4.76 -22.05
C THR A 341 47.10 3.31 -21.66
N LYS A 342 47.80 2.88 -20.61
CA LYS A 342 47.39 1.69 -19.87
C LYS A 342 46.87 0.62 -20.80
N ASN A 343 47.72 0.18 -21.71
CA ASN A 343 47.36 -0.83 -22.69
C ASN A 343 46.88 -2.11 -22.03
N LEU A 344 46.58 -3.13 -22.82
CA LEU A 344 45.77 -4.22 -22.31
C LEU A 344 46.05 -5.59 -22.90
N ASN A 345 46.90 -5.67 -23.93
CA ASN A 345 47.21 -6.97 -24.53
C ASN A 345 47.72 -7.92 -23.46
N GLU A 346 47.59 -7.48 -22.21
CA GLU A 346 48.12 -8.18 -21.05
C GLU A 346 47.00 -8.40 -20.03
N ILE A 347 46.17 -7.39 -19.81
CA ILE A 347 45.01 -7.57 -18.95
C ILE A 347 44.08 -8.63 -19.52
N LEU A 348 44.01 -8.70 -20.84
CA LEU A 348 43.13 -9.65 -21.51
C LEU A 348 43.92 -10.66 -22.31
N GLY A 349 45.24 -10.56 -22.22
CA GLY A 349 46.11 -11.44 -22.98
C GLY A 349 46.00 -12.87 -22.52
N ASN A 350 45.65 -13.05 -21.25
CA ASN A 350 45.58 -14.38 -20.65
C ASN A 350 44.26 -15.09 -20.91
N VAL A 351 43.17 -14.33 -21.03
CA VAL A 351 41.84 -14.93 -21.16
C VAL A 351 41.66 -15.56 -22.54
N ASN A 352 40.91 -16.65 -22.57
CA ASN A 352 40.53 -17.29 -23.82
C ASN A 352 39.04 -17.02 -24.15
N GLY A 353 38.38 -16.26 -23.30
CA GLY A 353 36.98 -15.93 -23.50
C GLY A 353 36.66 -14.57 -22.92
N ILE A 354 35.84 -13.84 -23.66
CA ILE A 354 35.40 -12.55 -23.19
C ILE A 354 33.89 -12.42 -23.32
N ILE A 355 33.26 -11.99 -22.23
CA ILE A 355 31.84 -11.70 -22.23
C ILE A 355 31.67 -10.25 -21.80
N VAL A 356 31.00 -9.45 -22.61
CA VAL A 356 30.62 -8.12 -22.14
C VAL A 356 29.22 -8.15 -21.55
N LEU A 357 29.11 -7.64 -20.34
CA LEU A 357 27.92 -7.74 -19.50
C LEU A 357 26.74 -6.83 -19.84
N PRO A 358 25.54 -7.32 -19.52
CA PRO A 358 24.31 -6.53 -19.56
C PRO A 358 24.43 -5.31 -18.66
N GLY A 359 23.41 -4.48 -18.66
CA GLY A 359 23.41 -3.35 -17.76
C GLY A 359 23.89 -2.13 -18.49
N PHE A 360 22.96 -1.22 -18.70
CA PHE A 360 23.12 -0.10 -19.59
C PHE A 360 23.75 1.09 -18.87
N GLY A 361 23.11 2.25 -18.98
CA GLY A 361 23.70 3.46 -18.46
C GLY A 361 24.80 3.89 -19.41
N SER A 362 25.93 4.31 -18.85
CA SER A 362 27.03 4.83 -19.67
C SER A 362 28.29 4.92 -18.84
N ARG A 363 28.17 4.52 -17.58
CA ARG A 363 29.28 4.62 -16.66
C ARG A 363 30.59 4.21 -17.32
N GLY A 364 30.75 2.93 -17.62
CA GLY A 364 31.97 2.45 -18.23
C GLY A 364 31.80 1.95 -19.65
N ALA A 365 30.99 2.65 -20.44
CA ALA A 365 30.67 2.22 -21.80
C ALA A 365 31.90 2.04 -22.69
N GLU A 366 32.90 2.89 -22.54
CA GLU A 366 34.08 2.81 -23.41
C GLU A 366 34.89 1.56 -23.10
N GLY A 367 35.04 1.26 -21.83
CA GLY A 367 35.79 0.10 -21.40
C GLY A 367 35.20 -1.15 -22.04
N LYS A 368 33.88 -1.23 -22.03
CA LYS A 368 33.20 -2.35 -22.65
C LYS A 368 33.46 -2.37 -24.16
N ILE A 369 33.46 -1.20 -24.77
CA ILE A 369 33.73 -1.08 -26.20
C ILE A 369 35.14 -1.58 -26.54
N LYS A 370 36.13 -1.08 -25.80
CA LYS A 370 37.51 -1.52 -26.02
C LYS A 370 37.58 -3.04 -25.99
N ALA A 371 36.99 -3.61 -24.95
CA ALA A 371 36.93 -5.04 -24.78
C ALA A 371 36.39 -5.72 -26.03
N ILE A 372 35.38 -5.10 -26.64
CA ILE A 372 34.77 -5.70 -27.82
C ILE A 372 35.66 -5.56 -29.05
N LYS A 373 36.33 -4.42 -29.17
CA LYS A 373 37.35 -4.22 -30.20
C LYS A 373 38.40 -5.31 -30.09
N TYR A 374 38.82 -5.56 -28.85
CA TYR A 374 39.92 -6.46 -28.58
C TYR A 374 39.65 -7.92 -28.95
N ALA A 375 38.47 -8.42 -28.61
CA ALA A 375 38.21 -9.82 -28.84
C ALA A 375 37.97 -10.08 -30.32
N ARG A 376 37.33 -9.12 -30.98
CA ARG A 376 37.05 -9.22 -32.39
C ARG A 376 38.35 -9.21 -33.19
N GLU A 377 39.23 -8.27 -32.83
CA GLU A 377 40.54 -8.14 -33.48
C GLU A 377 41.55 -9.26 -33.18
N HIS A 378 41.58 -9.77 -31.95
CA HIS A 378 42.53 -10.83 -31.61
C HIS A 378 41.92 -12.22 -31.76
N ASN A 379 40.66 -12.24 -32.21
CA ASN A 379 39.93 -13.48 -32.36
C ASN A 379 39.77 -14.27 -31.06
N ILE A 380 39.56 -13.56 -29.95
CA ILE A 380 39.17 -14.21 -28.71
C ILE A 380 37.67 -14.49 -28.74
N PRO A 381 37.28 -15.76 -28.57
CA PRO A 381 35.85 -16.07 -28.59
C PRO A 381 35.13 -15.13 -27.67
N PHE A 382 34.10 -14.48 -28.22
CA PHE A 382 33.40 -13.45 -27.49
C PHE A 382 31.89 -13.68 -27.43
N LEU A 383 31.33 -13.44 -26.26
CA LEU A 383 29.89 -13.41 -26.07
C LEU A 383 29.41 -12.05 -25.55
N GLY A 384 28.55 -11.40 -26.34
CA GLY A 384 27.95 -10.14 -25.93
C GLY A 384 26.47 -10.28 -25.57
N ILE A 385 26.01 -9.53 -24.58
CA ILE A 385 24.67 -9.73 -24.04
C ILE A 385 23.92 -8.45 -23.60
N CYS A 386 22.77 -8.23 -24.24
CA CYS A 386 21.93 -7.08 -23.95
C CYS A 386 22.64 -5.83 -24.36
N PHE A 387 22.92 -4.96 -23.40
CA PHE A 387 23.68 -3.74 -23.66
C PHE A 387 25.05 -4.10 -24.25
N GLY A 388 25.49 -5.33 -23.98
CA GLY A 388 26.66 -5.87 -24.64
C GLY A 388 26.46 -5.98 -26.15
N PHE A 389 25.34 -6.59 -26.55
CA PHE A 389 25.03 -6.76 -27.96
C PHE A 389 24.99 -5.39 -28.61
N GLN A 390 24.25 -4.47 -28.00
CA GLN A 390 24.11 -3.10 -28.51
C GLN A 390 25.47 -2.41 -28.67
N LEU A 391 26.40 -2.71 -27.77
CA LEU A 391 27.74 -2.13 -27.85
C LEU A 391 28.56 -2.75 -28.95
N SER A 392 28.42 -4.06 -29.13
CA SER A 392 29.03 -4.77 -30.25
C SER A 392 28.63 -4.08 -31.55
N ILE A 393 27.34 -3.86 -31.72
CA ILE A 393 26.82 -3.21 -32.91
C ILE A 393 27.49 -1.86 -33.10
N VAL A 394 27.80 -1.19 -32.00
CA VAL A 394 28.39 0.14 -32.09
C VAL A 394 29.84 0.00 -32.50
N GLU A 395 30.56 -0.85 -31.77
CA GLU A 395 31.97 -1.02 -31.97
C GLU A 395 32.17 -1.34 -33.44
N PHE A 396 31.32 -2.20 -33.95
CA PHE A 396 31.41 -2.65 -35.31
C PHE A 396 31.28 -1.45 -36.22
N ALA A 397 30.30 -0.62 -35.94
CA ALA A 397 30.05 0.57 -36.72
C ALA A 397 31.26 1.52 -36.78
N ARG A 398 31.65 2.04 -35.61
CA ARG A 398 32.64 3.12 -35.59
C ARG A 398 34.03 2.64 -35.99
N ASP A 399 34.24 1.33 -35.99
CA ASP A 399 35.53 0.79 -36.35
C ASP A 399 35.58 0.14 -37.73
N VAL A 400 35.20 -1.13 -37.82
CA VAL A 400 35.23 -1.82 -39.11
C VAL A 400 34.51 -1.03 -40.20
N LEU A 401 33.32 -0.51 -39.86
CA LEU A 401 32.49 0.23 -40.80
C LEU A 401 32.88 1.71 -40.79
N GLY A 402 33.72 2.09 -39.84
CA GLY A 402 34.23 3.44 -39.77
C GLY A 402 33.16 4.51 -39.67
N LEU A 403 32.36 4.47 -38.61
CA LEU A 403 31.42 5.56 -38.30
C LEU A 403 31.73 6.16 -36.93
N SER A 404 32.82 6.90 -36.84
CA SER A 404 33.36 7.36 -35.55
C SER A 404 32.33 7.91 -34.56
N GLU A 405 31.16 8.34 -35.05
CA GLU A 405 30.13 8.92 -34.19
C GLU A 405 29.03 7.93 -33.78
N ALA A 406 29.04 6.75 -34.40
CA ALA A 406 28.06 5.72 -34.10
C ALA A 406 27.89 5.53 -32.60
N ASN A 407 26.65 5.33 -32.15
CA ASN A 407 26.35 5.16 -30.72
C ASN A 407 24.88 4.84 -30.51
N SER A 408 24.54 4.41 -29.30
CA SER A 408 23.13 4.29 -28.92
C SER A 408 22.62 5.66 -28.50
N THR A 409 21.34 5.91 -28.75
CA THR A 409 20.69 7.14 -28.31
C THR A 409 20.59 7.23 -26.78
N GLU A 410 20.68 6.09 -26.09
CA GLU A 410 20.73 6.06 -24.64
C GLU A 410 21.98 6.71 -24.05
N ILE A 411 23.11 6.57 -24.74
CA ILE A 411 24.38 7.14 -24.29
C ILE A 411 24.59 8.59 -24.70
N ASN A 412 23.99 8.95 -25.83
CA ASN A 412 24.07 10.30 -26.38
C ASN A 412 22.99 10.43 -27.43
N PRO A 413 21.84 10.98 -27.04
CA PRO A 413 20.71 10.98 -27.97
C PRO A 413 20.99 11.90 -29.15
N ASN A 414 22.13 12.60 -29.12
CA ASN A 414 22.50 13.56 -30.16
C ASN A 414 23.39 13.00 -31.28
N THR A 415 23.97 11.82 -31.04
CA THR A 415 24.93 11.22 -31.96
C THR A 415 24.50 11.40 -33.42
N LYS A 416 25.48 11.49 -34.31
CA LYS A 416 25.23 11.65 -35.74
C LYS A 416 24.64 10.37 -36.34
N ASP A 417 25.09 9.23 -35.81
CA ASP A 417 24.64 7.91 -36.24
C ASP A 417 24.01 7.14 -35.10
N PRO A 418 22.68 7.27 -34.92
CA PRO A 418 21.89 6.46 -33.98
C PRO A 418 21.72 5.02 -34.51
N VAL A 419 22.79 4.27 -34.39
CA VAL A 419 22.84 2.92 -34.86
C VAL A 419 22.08 2.03 -33.88
N ILE A 420 21.98 2.50 -32.64
CA ILE A 420 21.14 1.87 -31.64
C ILE A 420 20.22 2.93 -31.06
N THR A 421 18.93 2.65 -31.05
CA THR A 421 17.96 3.63 -30.60
C THR A 421 16.62 2.99 -30.25
N LEU A 422 15.73 3.80 -29.66
CA LEU A 422 14.37 3.35 -29.45
C LEU A 422 13.60 3.44 -30.76
N LEU A 423 12.58 2.61 -30.90
CA LEU A 423 11.76 2.57 -32.12
C LEU A 423 10.31 2.40 -31.68
N ASP A 424 9.37 3.10 -32.32
CA ASP A 424 7.97 2.95 -31.94
C ASP A 424 7.32 1.70 -32.52
N GLU A 425 6.10 1.39 -32.10
CA GLU A 425 5.36 0.27 -32.68
C GLU A 425 5.28 0.45 -34.20
N GLN A 426 6.18 -0.21 -34.91
CA GLN A 426 6.35 -0.01 -36.37
C GLN A 426 6.56 1.46 -36.79
N LYS A 427 7.42 1.68 -37.80
CA LYS A 427 7.59 3.00 -38.44
C LYS A 427 8.98 3.28 -39.05
N ASN A 428 10.04 3.17 -38.25
CA ASN A 428 9.95 2.79 -36.85
C ASN A 428 10.72 3.75 -35.94
N VAL A 429 11.52 4.62 -36.55
CA VAL A 429 12.36 5.57 -35.80
C VAL A 429 11.55 6.49 -34.89
N THR A 430 11.98 6.61 -33.63
CA THR A 430 11.27 7.44 -32.64
C THR A 430 12.06 7.63 -31.35
N GLN A 431 11.85 8.78 -30.70
CA GLN A 431 12.50 9.09 -29.43
C GLN A 431 11.44 9.21 -28.34
N LEU A 432 10.27 8.67 -28.64
CA LEU A 432 9.17 8.58 -27.69
C LEU A 432 9.64 7.86 -26.44
N GLY A 433 9.29 6.58 -26.35
CA GLY A 433 9.66 5.77 -25.22
C GLY A 433 9.87 4.34 -25.68
N GLY A 434 9.78 4.14 -26.99
CA GLY A 434 9.99 2.84 -27.57
C GLY A 434 9.04 1.76 -27.08
N THR A 435 9.39 0.52 -27.37
CA THR A 435 8.54 -0.60 -27.08
C THR A 435 9.32 -1.61 -26.23
N MET A 436 8.89 -1.81 -24.98
CA MET A 436 9.63 -2.69 -24.07
C MET A 436 9.40 -4.16 -24.38
N ARG A 437 10.48 -4.92 -24.54
CA ARG A 437 10.38 -6.34 -24.85
C ARG A 437 10.65 -7.13 -23.57
N LEU A 438 9.79 -8.10 -23.28
CA LEU A 438 9.79 -8.75 -21.98
C LEU A 438 9.35 -10.22 -22.03
N GLY A 439 10.21 -11.10 -21.51
CA GLY A 439 9.90 -12.51 -21.41
C GLY A 439 10.10 -13.26 -22.70
N ALA A 440 9.69 -14.53 -22.70
CA ALA A 440 9.80 -15.40 -23.85
C ALA A 440 9.27 -14.73 -25.11
N GLN A 441 10.07 -14.84 -26.17
CA GLN A 441 9.82 -14.17 -27.43
C GLN A 441 10.46 -14.97 -28.57
N LYS A 442 9.72 -15.11 -29.66
CA LYS A 442 10.15 -15.90 -30.81
C LYS A 442 11.38 -15.29 -31.50
N ILE A 443 12.30 -16.15 -31.90
CA ILE A 443 13.42 -15.72 -32.72
C ILE A 443 13.57 -16.71 -33.87
N ILE A 444 13.53 -16.19 -35.09
CA ILE A 444 13.75 -17.00 -36.27
C ILE A 444 15.23 -17.00 -36.63
N LEU A 445 15.82 -18.18 -36.63
CA LEU A 445 17.22 -18.35 -36.94
C LEU A 445 17.47 -18.46 -38.44
N LYS A 446 18.59 -17.92 -38.90
CA LYS A 446 19.02 -18.10 -40.29
C LYS A 446 19.86 -19.37 -40.46
N GLU A 447 19.55 -20.16 -41.48
CA GLU A 447 20.26 -21.42 -41.70
C GLU A 447 21.72 -21.22 -42.13
N GLY A 448 22.58 -22.16 -41.74
CA GLY A 448 23.99 -22.09 -42.05
C GLY A 448 24.79 -21.19 -41.12
N THR A 449 24.14 -20.63 -40.11
CA THR A 449 24.83 -19.78 -39.15
C THR A 449 25.25 -20.54 -37.89
N ILE A 450 26.20 -20.00 -37.14
CA ILE A 450 26.55 -20.54 -35.83
C ILE A 450 25.31 -20.65 -34.96
N ALA A 451 24.50 -19.60 -35.00
CA ALA A 451 23.28 -19.54 -34.19
C ALA A 451 22.30 -20.64 -34.57
N TYR A 452 22.13 -20.86 -35.87
CA TYR A 452 21.28 -21.94 -36.32
C TYR A 452 21.91 -23.26 -35.85
N GLN A 453 23.22 -23.41 -36.06
CA GLN A 453 23.92 -24.61 -35.65
C GLN A 453 23.76 -24.88 -34.15
N LEU A 454 23.91 -23.85 -33.32
CA LEU A 454 23.81 -24.02 -31.88
C LEU A 454 22.43 -24.53 -31.44
N TYR A 455 21.39 -24.03 -32.07
CA TYR A 455 20.05 -24.46 -31.72
C TYR A 455 19.56 -25.70 -32.47
N GLY A 456 20.19 -26.01 -33.59
CA GLY A 456 19.80 -27.15 -34.40
C GLY A 456 18.39 -27.01 -34.95
N LYS A 457 17.89 -25.79 -35.02
CA LYS A 457 16.53 -25.55 -35.50
C LYS A 457 16.25 -24.10 -35.83
N LYS A 458 15.21 -23.86 -36.61
CA LYS A 458 14.94 -22.52 -37.10
C LYS A 458 14.22 -21.63 -36.09
N VAL A 459 13.27 -22.19 -35.36
CA VAL A 459 12.41 -21.35 -34.51
C VAL A 459 12.63 -21.60 -33.04
N VAL A 460 13.01 -20.54 -32.34
CA VAL A 460 13.39 -20.69 -30.96
C VAL A 460 12.95 -19.48 -30.13
N TYR A 461 12.98 -19.63 -28.82
CA TYR A 461 12.55 -18.59 -27.91
C TYR A 461 13.64 -18.27 -26.90
N GLU A 462 13.79 -16.98 -26.60
CA GLU A 462 14.59 -16.54 -25.45
C GLU A 462 13.84 -15.45 -24.68
N ARG A 463 14.09 -15.36 -23.39
CA ARG A 463 13.50 -14.31 -22.58
C ARG A 463 14.17 -12.96 -22.83
N HIS A 464 13.35 -11.92 -23.01
CA HIS A 464 13.83 -10.59 -23.29
C HIS A 464 13.65 -9.60 -22.15
N ARG A 465 14.41 -8.50 -22.21
CA ARG A 465 14.37 -7.46 -21.20
C ARG A 465 15.10 -6.21 -21.69
N HIS A 466 14.56 -5.54 -22.71
CA HIS A 466 15.27 -4.43 -23.34
C HIS A 466 14.36 -3.59 -24.22
N ARG A 467 14.83 -2.39 -24.56
CA ARG A 467 14.03 -1.46 -25.35
C ARG A 467 14.81 -0.87 -26.55
N TYR A 468 16.10 -0.64 -26.36
CA TYR A 468 16.97 -0.04 -27.38
C TYR A 468 17.38 -1.07 -28.43
N GLU A 469 16.99 -0.86 -29.69
CA GLU A 469 17.24 -1.88 -30.73
C GLU A 469 18.24 -1.45 -31.80
N VAL A 470 18.62 -2.39 -32.65
CA VAL A 470 19.46 -2.05 -33.79
C VAL A 470 18.64 -1.25 -34.79
N ASN A 471 19.14 -0.07 -35.14
CA ASN A 471 18.49 0.79 -36.12
C ASN A 471 18.41 0.09 -37.48
N PRO A 472 17.19 -0.07 -38.00
CA PRO A 472 16.99 -0.86 -39.21
C PRO A 472 17.71 -0.25 -40.41
N LYS A 473 17.84 1.08 -40.42
CA LYS A 473 18.50 1.80 -41.51
C LYS A 473 19.91 1.24 -41.79
N TYR A 474 20.69 1.06 -40.72
CA TYR A 474 22.08 0.64 -40.81
C TYR A 474 22.30 -0.84 -41.08
N VAL A 475 21.24 -1.63 -40.97
CA VAL A 475 21.38 -3.08 -41.09
C VAL A 475 22.15 -3.47 -42.35
N ASP A 476 21.61 -3.05 -43.49
CA ASP A 476 22.07 -3.47 -44.80
C ASP A 476 23.56 -3.21 -45.04
N ILE A 477 24.09 -2.10 -44.53
CA ILE A 477 25.52 -1.83 -44.68
C ILE A 477 26.37 -2.54 -43.63
N LEU A 478 25.78 -2.78 -42.46
CA LEU A 478 26.42 -3.58 -41.41
C LEU A 478 26.68 -4.96 -41.97
N GLU A 479 25.70 -5.49 -42.68
CA GLU A 479 25.82 -6.79 -43.31
C GLU A 479 26.95 -6.83 -44.34
N ASP A 480 27.05 -5.79 -45.17
CA ASP A 480 28.00 -5.75 -46.28
C ASP A 480 29.43 -5.56 -45.79
N ALA A 481 29.55 -5.04 -44.58
CA ALA A 481 30.84 -4.85 -43.96
C ALA A 481 31.26 -6.12 -43.27
N GLY A 482 30.46 -7.17 -43.39
CA GLY A 482 30.79 -8.45 -42.78
C GLY A 482 29.84 -8.98 -41.71
N LEU A 483 29.09 -8.11 -41.04
CA LEU A 483 28.18 -8.55 -39.98
C LEU A 483 27.05 -9.46 -40.48
N VAL A 484 26.77 -10.52 -39.73
CA VAL A 484 25.68 -11.43 -40.06
C VAL A 484 24.55 -11.39 -39.03
N VAL A 485 23.32 -11.15 -39.50
CA VAL A 485 22.16 -11.29 -38.65
C VAL A 485 21.65 -12.73 -38.71
N SER A 486 21.92 -13.49 -37.67
CA SER A 486 21.51 -14.88 -37.64
C SER A 486 20.19 -15.00 -36.92
N GLY A 487 19.72 -13.90 -36.33
CA GLY A 487 18.48 -13.92 -35.59
C GLY A 487 17.67 -12.64 -35.65
N ILE A 488 16.39 -12.78 -36.00
CA ILE A 488 15.44 -11.66 -35.95
C ILE A 488 14.14 -12.07 -35.24
N SER A 489 13.33 -11.07 -34.87
CA SER A 489 12.04 -11.30 -34.22
C SER A 489 10.95 -11.64 -35.21
N GLU A 490 9.79 -12.02 -34.69
CA GLU A 490 8.60 -12.22 -35.53
C GLU A 490 8.45 -11.07 -36.52
N ASN A 491 8.79 -9.86 -36.08
CA ASN A 491 8.67 -8.69 -36.95
C ASN A 491 9.97 -8.02 -37.40
N GLY A 492 11.03 -8.80 -37.52
CA GLY A 492 12.23 -8.36 -38.20
C GLY A 492 13.18 -7.45 -37.44
N LEU A 493 13.05 -7.44 -36.11
CA LEU A 493 14.05 -6.75 -35.31
C LEU A 493 15.25 -7.67 -35.12
N VAL A 494 16.44 -7.11 -35.23
CA VAL A 494 17.65 -7.91 -35.09
C VAL A 494 17.85 -8.38 -33.66
N GLU A 495 17.93 -9.69 -33.52
CA GLU A 495 18.01 -10.39 -32.26
C GLU A 495 19.41 -10.93 -31.95
N ILE A 496 20.03 -11.52 -32.97
CA ILE A 496 21.34 -12.12 -32.80
C ILE A 496 22.20 -11.75 -33.99
N ILE A 497 23.45 -11.43 -33.68
CA ILE A 497 24.41 -11.18 -34.73
C ILE A 497 25.66 -12.06 -34.55
N GLU A 498 26.47 -12.14 -35.60
CA GLU A 498 27.71 -12.92 -35.57
C GLU A 498 28.68 -12.51 -36.71
N LEU A 499 29.97 -12.75 -36.50
CA LEU A 499 31.02 -12.43 -37.47
C LEU A 499 31.77 -13.69 -37.92
N PRO A 500 31.33 -14.32 -39.01
CA PRO A 500 31.85 -15.60 -39.49
C PRO A 500 33.36 -15.57 -39.68
N SER A 501 33.91 -14.37 -39.83
CA SER A 501 35.36 -14.17 -39.87
C SER A 501 36.09 -14.61 -38.60
N ASN A 502 35.38 -14.66 -37.48
CA ASN A 502 35.99 -15.10 -36.23
C ASN A 502 35.58 -16.52 -35.89
N LYS A 503 36.33 -17.17 -35.02
CA LYS A 503 36.00 -18.52 -34.64
C LYS A 503 34.76 -18.48 -33.74
N PHE A 504 34.53 -17.35 -33.10
CA PHE A 504 33.32 -17.21 -32.31
C PHE A 504 33.14 -15.83 -31.74
N PHE A 505 32.15 -15.12 -32.27
CA PHE A 505 31.87 -13.76 -31.89
C PHE A 505 30.36 -13.56 -32.03
N VAL A 506 29.64 -13.82 -30.94
CA VAL A 506 28.18 -13.80 -30.98
C VAL A 506 27.61 -12.88 -29.92
N ALA A 507 26.67 -12.02 -30.32
CA ALA A 507 25.97 -11.15 -29.37
C ALA A 507 24.48 -11.28 -29.57
N THR A 508 23.75 -11.32 -28.47
CA THR A 508 22.30 -11.36 -28.60
C THR A 508 21.56 -10.38 -27.68
N GLN A 509 20.46 -9.83 -28.20
CA GLN A 509 19.60 -8.97 -27.38
C GLN A 509 19.03 -9.69 -26.15
N ALA A 510 18.44 -10.85 -26.38
CA ALA A 510 17.87 -11.67 -25.31
C ALA A 510 18.87 -12.02 -24.20
N HIS A 511 18.37 -12.67 -23.15
CA HIS A 511 19.19 -13.19 -22.05
C HIS A 511 19.03 -14.70 -21.95
N PRO A 512 19.84 -15.45 -22.71
CA PRO A 512 19.75 -16.92 -22.73
C PRO A 512 20.17 -17.58 -21.43
N GLU A 513 20.91 -16.88 -20.60
CA GLU A 513 21.30 -17.45 -19.33
C GLU A 513 20.11 -17.74 -18.40
N PHE A 514 19.00 -17.02 -18.56
CA PHE A 514 17.84 -17.24 -17.70
C PHE A 514 17.25 -18.64 -17.90
N LYS A 515 17.54 -19.29 -19.03
CA LYS A 515 16.93 -20.60 -19.27
C LYS A 515 17.85 -21.75 -18.95
N SER A 516 19.06 -21.46 -18.50
CA SER A 516 20.08 -22.51 -18.39
C SER A 516 19.89 -23.38 -17.16
N ARG A 517 20.06 -24.68 -17.34
CA ARG A 517 19.89 -25.62 -16.25
C ARG A 517 21.12 -26.50 -16.10
N PRO A 518 21.35 -27.01 -14.88
CA PRO A 518 22.35 -28.04 -14.58
C PRO A 518 22.42 -29.13 -15.64
N THR A 519 21.25 -29.52 -16.14
CA THR A 519 21.12 -30.63 -17.07
C THR A 519 21.01 -30.08 -18.50
N ASN A 520 20.44 -28.89 -18.60
CA ASN A 520 20.11 -28.30 -19.89
C ASN A 520 20.70 -26.88 -20.10
N PRO A 521 21.99 -26.82 -20.44
CA PRO A 521 22.74 -25.57 -20.65
C PRO A 521 22.15 -24.74 -21.78
N SER A 522 22.26 -23.42 -21.69
CA SER A 522 21.90 -22.55 -22.80
C SER A 522 22.69 -22.90 -24.05
N PRO A 523 22.00 -23.17 -25.16
CA PRO A 523 22.76 -23.51 -26.37
C PRO A 523 23.78 -22.42 -26.71
N ILE A 524 23.54 -21.21 -26.23
CA ILE A 524 24.41 -20.09 -26.57
C ILE A 524 25.67 -20.21 -25.72
N TYR A 525 25.47 -20.47 -24.43
CA TYR A 525 26.59 -20.66 -23.52
C TYR A 525 27.41 -21.93 -23.84
N LEU A 526 26.74 -23.00 -24.29
CA LEU A 526 27.45 -24.20 -24.73
C LEU A 526 28.44 -23.83 -25.82
N GLY A 527 27.93 -23.17 -26.86
CA GLY A 527 28.74 -22.80 -27.98
C GLY A 527 29.94 -21.98 -27.54
N PHE A 528 29.68 -20.96 -26.75
CA PHE A 528 30.71 -20.03 -26.35
C PHE A 528 31.83 -20.77 -25.62
N ILE A 529 31.44 -21.61 -24.68
CA ILE A 529 32.35 -22.34 -23.83
C ILE A 529 33.12 -23.39 -24.65
N ARG A 530 32.48 -23.95 -25.66
CA ARG A 530 33.14 -24.91 -26.51
C ARG A 530 34.20 -24.19 -27.30
N ALA A 531 33.85 -23.01 -27.78
CA ALA A 531 34.77 -22.19 -28.55
C ALA A 531 35.94 -21.74 -27.68
N VAL A 532 35.63 -21.34 -26.44
CA VAL A 532 36.64 -20.83 -25.55
C VAL A 532 37.73 -21.89 -25.29
N ALA A 533 37.27 -23.10 -24.99
CA ALA A 533 38.13 -24.20 -24.64
C ALA A 533 38.82 -24.82 -25.86
N SER A 534 38.46 -24.34 -27.05
CA SER A 534 39.01 -24.89 -28.29
C SER A 534 38.84 -26.39 -28.32
N PRO B 2 11.48 24.03 14.39
CA PRO B 2 10.62 24.78 13.47
C PRO B 2 9.20 24.88 14.01
N ASN B 3 8.46 23.79 13.91
CA ASN B 3 7.10 23.72 14.44
C ASN B 3 7.08 22.93 15.75
N LYS B 4 5.94 22.92 16.41
CA LYS B 4 5.74 22.06 17.57
C LYS B 4 4.77 20.94 17.20
N TYR B 5 4.72 19.89 18.01
CA TYR B 5 3.94 18.70 17.67
C TYR B 5 3.38 17.98 18.90
N ILE B 6 2.05 17.94 19.03
CA ILE B 6 1.42 17.10 20.07
C ILE B 6 0.82 15.84 19.46
N VAL B 7 1.38 14.69 19.84
CA VAL B 7 0.92 13.41 19.30
C VAL B 7 0.03 12.71 20.33
N VAL B 8 -1.14 12.27 19.85
CA VAL B 8 -2.15 11.66 20.69
C VAL B 8 -2.49 10.25 20.19
N THR B 9 -2.62 9.33 21.12
CA THR B 9 -2.84 7.92 20.81
C THR B 9 -3.85 7.36 21.81
N GLY B 10 -4.15 6.08 21.68
CA GLY B 10 -5.07 5.42 22.58
C GLY B 10 -6.44 5.41 21.93
N GLY B 11 -7.39 6.15 22.49
CA GLY B 11 -8.74 6.18 21.94
C GLY B 11 -9.31 4.79 21.80
N VAL B 12 -9.02 4.14 20.67
CA VAL B 12 -9.39 2.75 20.45
C VAL B 12 -10.92 2.59 20.36
N LEU B 13 -11.62 3.69 20.63
CA LEU B 13 -13.08 3.74 20.66
C LEU B 13 -13.51 5.20 20.49
N SER B 14 -14.82 5.47 20.38
CA SER B 14 -15.33 6.85 20.34
C SER B 14 -15.94 7.27 21.67
N SER B 15 -16.26 6.27 22.47
CA SER B 15 -16.77 6.46 23.81
C SER B 15 -15.68 7.12 24.63
N VAL B 16 -14.45 7.04 24.10
CA VAL B 16 -13.23 7.47 24.78
C VAL B 16 -12.88 8.95 24.58
N GLY B 17 -13.52 9.60 23.60
CA GLY B 17 -13.34 11.03 23.41
C GLY B 17 -12.10 11.45 22.65
N LYS B 18 -11.52 10.51 21.91
CA LYS B 18 -10.30 10.77 21.14
C LYS B 18 -10.34 12.10 20.39
N GLY B 19 -11.29 12.17 19.45
CA GLY B 19 -11.41 13.32 18.56
C GLY B 19 -11.72 14.62 19.24
N THR B 20 -12.59 14.58 20.25
CA THR B 20 -13.01 15.82 20.90
C THR B 20 -11.89 16.38 21.75
N LEU B 21 -11.14 15.49 22.39
CA LEU B 21 -10.01 15.91 23.20
C LEU B 21 -8.98 16.66 22.36
N VAL B 22 -8.68 16.14 21.16
CA VAL B 22 -7.76 16.83 20.26
C VAL B 22 -8.37 18.16 19.86
N ALA B 23 -9.64 18.15 19.48
CA ALA B 23 -10.32 19.38 19.08
C ALA B 23 -10.32 20.42 20.23
N SER B 24 -10.66 19.95 21.43
CA SER B 24 -10.63 20.81 22.61
C SER B 24 -9.24 21.41 22.78
N ILE B 25 -8.24 20.53 22.81
CA ILE B 25 -6.88 20.99 23.00
C ILE B 25 -6.54 22.05 21.94
N GLY B 26 -6.87 21.76 20.69
CA GLY B 26 -6.71 22.73 19.63
C GLY B 26 -7.31 24.07 19.99
N MET B 27 -8.61 24.10 20.27
CA MET B 27 -9.30 25.35 20.55
C MET B 27 -8.62 26.21 21.61
N LEU B 28 -8.18 25.57 22.70
CA LEU B 28 -7.56 26.29 23.81
C LEU B 28 -6.23 26.97 23.42
N LEU B 29 -5.47 26.29 22.56
CA LEU B 29 -4.23 26.87 22.01
C LEU B 29 -4.56 28.08 21.14
N LYS B 30 -5.55 27.91 20.26
CA LYS B 30 -5.86 28.95 19.29
C LYS B 30 -6.16 30.31 19.96
N ARG B 31 -6.94 30.28 21.03
CA ARG B 31 -7.33 31.51 21.72
C ARG B 31 -6.14 32.25 22.32
N ARG B 32 -5.01 31.56 22.42
CA ARG B 32 -3.77 32.13 22.97
C ARG B 32 -2.84 32.66 21.88
N GLY B 33 -3.43 33.29 20.87
CA GLY B 33 -2.66 33.88 19.78
C GLY B 33 -2.04 32.83 18.88
N TYR B 34 -1.60 31.73 19.49
CA TYR B 34 -0.90 30.65 18.80
C TYR B 34 -1.67 30.02 17.64
N ASN B 35 -1.05 30.01 16.47
CA ASN B 35 -1.61 29.32 15.32
C ASN B 35 -1.55 27.81 15.48
N VAL B 36 -2.67 27.14 15.18
CA VAL B 36 -2.71 25.68 15.30
C VAL B 36 -3.55 25.00 14.22
N THR B 37 -3.33 23.71 14.07
CA THR B 37 -4.00 22.91 13.08
C THR B 37 -4.04 21.50 13.66
N ALA B 38 -5.04 20.71 13.26
CA ALA B 38 -5.12 19.34 13.72
C ALA B 38 -5.00 18.39 12.54
N VAL B 39 -4.42 17.22 12.80
CA VAL B 39 -4.31 16.22 11.75
C VAL B 39 -4.68 14.87 12.32
N LYS B 40 -5.55 14.19 11.60
CA LYS B 40 -5.99 12.87 11.99
C LYS B 40 -5.39 11.87 11.04
N ILE B 41 -4.84 10.83 11.63
CA ILE B 41 -4.34 9.72 10.86
C ILE B 41 -5.28 8.54 11.04
N ASP B 42 -5.67 7.94 9.92
CA ASP B 42 -6.43 6.72 9.95
C ASP B 42 -5.61 5.60 9.30
N PRO B 43 -5.26 4.58 10.07
CA PRO B 43 -4.32 3.59 9.54
C PRO B 43 -5.02 2.52 8.71
N TYR B 44 -6.21 2.83 8.21
CA TYR B 44 -6.90 1.91 7.31
C TYR B 44 -6.49 2.12 5.84
N ILE B 45 -6.90 1.19 4.98
CA ILE B 45 -6.36 1.14 3.62
C ILE B 45 -7.14 1.97 2.59
N ASN B 46 -8.40 2.29 2.92
CA ASN B 46 -9.25 3.14 2.09
C ASN B 46 -8.47 4.42 1.84
N VAL B 47 -8.43 4.87 0.59
CA VAL B 47 -7.63 6.04 0.25
C VAL B 47 -8.18 7.25 0.98
N ASP B 48 -9.48 7.24 1.19
CA ASP B 48 -10.20 8.26 1.96
C ASP B 48 -11.56 7.66 2.37
N ALA B 49 -12.46 8.47 2.93
CA ALA B 49 -13.70 7.91 3.50
C ALA B 49 -14.90 7.88 2.55
N GLY B 50 -14.70 8.37 1.33
CA GLY B 50 -15.78 8.54 0.37
C GLY B 50 -16.37 7.30 -0.31
N THR B 51 -16.14 6.11 0.23
CA THR B 51 -16.79 4.89 -0.24
C THR B 51 -17.29 4.11 0.98
N MET B 52 -17.08 4.68 2.16
CA MET B 52 -17.36 3.97 3.40
C MET B 52 -18.78 4.16 3.89
N ASN B 53 -19.39 3.05 4.31
CA ASN B 53 -20.76 3.01 4.82
C ASN B 53 -20.88 3.74 6.17
N PRO B 54 -21.80 4.72 6.27
CA PRO B 54 -21.96 5.49 7.51
C PRO B 54 -22.35 4.60 8.69
N TYR B 55 -22.89 3.43 8.39
CA TYR B 55 -23.11 2.40 9.40
C TYR B 55 -21.78 1.78 9.82
N MET B 56 -21.66 1.45 11.10
CA MET B 56 -20.48 0.75 11.61
C MET B 56 -19.23 1.65 11.61
N HIS B 57 -19.31 2.77 10.89
CA HIS B 57 -18.18 3.65 10.67
C HIS B 57 -18.46 5.12 11.05
N GLY B 58 -19.69 5.59 10.80
CA GLY B 58 -20.06 6.97 11.14
C GLY B 58 -20.10 7.92 9.96
N GLU B 59 -20.48 9.15 10.20
CA GLU B 59 -20.66 10.09 9.10
C GLU B 59 -19.36 10.40 8.34
N VAL B 60 -19.52 10.68 7.05
CA VAL B 60 -18.43 11.09 6.19
C VAL B 60 -18.40 12.60 6.11
N PHE B 61 -17.43 13.25 6.74
CA PHE B 61 -17.35 14.71 6.71
C PHE B 61 -16.82 15.23 5.36
N VAL B 62 -17.20 16.43 4.96
CA VAL B 62 -16.66 17.05 3.75
C VAL B 62 -15.98 18.37 4.05
N THR B 63 -14.73 18.54 3.57
CA THR B 63 -14.04 19.83 3.73
C THR B 63 -14.44 20.80 2.60
N GLU B 64 -14.15 22.08 2.79
CA GLU B 64 -14.42 23.11 1.78
C GLU B 64 -13.81 22.74 0.43
N ASP B 65 -12.66 22.08 0.48
CA ASP B 65 -11.98 21.65 -0.75
C ASP B 65 -12.47 20.32 -1.37
N GLY B 66 -13.55 19.73 -0.85
CA GLY B 66 -14.15 18.57 -1.50
C GLY B 66 -13.61 17.20 -1.16
N ALA B 67 -12.75 17.14 -0.14
CA ALA B 67 -12.33 15.86 0.40
C ALA B 67 -13.43 15.17 1.23
N GLU B 68 -13.58 13.87 1.04
CA GLU B 68 -14.42 13.03 1.88
C GLU B 68 -13.61 12.33 2.99
N THR B 69 -13.82 12.75 4.22
CA THR B 69 -12.95 12.38 5.35
C THR B 69 -13.62 11.76 6.56
N ASP B 70 -12.76 11.35 7.49
CA ASP B 70 -13.16 10.93 8.82
C ASP B 70 -13.89 12.07 9.58
N LEU B 71 -14.96 11.73 10.31
CA LEU B 71 -15.78 12.72 11.00
C LEU B 71 -14.96 13.54 12.00
N ASP B 72 -13.78 13.04 12.37
CA ASP B 72 -13.00 13.73 13.39
C ASP B 72 -12.66 15.15 12.94
N LEU B 73 -12.56 15.38 11.62
CA LEU B 73 -12.25 16.73 11.13
C LEU B 73 -13.41 17.67 11.47
N GLY B 74 -14.59 17.09 11.62
CA GLY B 74 -15.78 17.84 11.96
C GLY B 74 -15.69 18.36 13.37
N HIS B 75 -15.20 17.52 14.27
CA HIS B 75 -14.89 17.96 15.63
C HIS B 75 -13.89 19.12 15.58
N TYR B 76 -12.89 19.02 14.72
CA TYR B 76 -11.85 20.05 14.63
C TYR B 76 -12.46 21.37 14.19
N GLU B 77 -13.37 21.30 13.21
CA GLU B 77 -13.88 22.50 12.58
C GLU B 77 -14.75 23.25 13.58
N ARG B 78 -15.57 22.48 14.30
CA ARG B 78 -16.51 23.03 15.26
C ARG B 78 -15.82 23.63 16.49
N PHE B 79 -14.73 23.00 16.94
CA PHE B 79 -14.04 23.43 18.16
C PHE B 79 -13.02 24.52 17.92
N MET B 80 -12.31 24.46 16.81
CA MET B 80 -11.28 25.44 16.53
C MET B 80 -11.78 26.48 15.55
N ASP B 81 -12.99 26.27 15.04
CA ASP B 81 -13.58 27.16 14.06
C ASP B 81 -12.60 27.43 12.95
N VAL B 82 -12.18 26.36 12.28
CA VAL B 82 -11.24 26.48 11.20
C VAL B 82 -11.76 25.67 10.05
N ASN B 83 -11.32 26.01 8.84
CA ASN B 83 -11.54 25.16 7.70
C ASN B 83 -10.44 24.14 7.55
N MET B 84 -10.83 22.88 7.53
CA MET B 84 -9.92 21.79 7.27
C MET B 84 -9.65 21.61 5.77
N THR B 85 -8.62 20.84 5.45
CA THR B 85 -8.26 20.61 4.07
C THR B 85 -8.11 19.13 3.90
N LYS B 86 -7.87 18.70 2.66
CA LYS B 86 -7.60 17.30 2.36
C LYS B 86 -6.38 16.76 3.12
N TYR B 87 -5.50 17.67 3.54
CA TYR B 87 -4.21 17.29 4.12
C TYR B 87 -4.31 17.04 5.60
N ASN B 88 -5.42 17.45 6.19
CA ASN B 88 -5.57 17.29 7.61
C ASN B 88 -6.07 15.90 7.97
N ASN B 89 -6.38 15.12 6.95
CA ASN B 89 -6.74 13.73 7.15
C ASN B 89 -5.81 12.78 6.38
N ILE B 90 -4.91 12.12 7.10
CA ILE B 90 -3.94 11.18 6.50
C ILE B 90 -4.33 9.70 6.65
N THR B 91 -4.43 8.98 5.54
CA THR B 91 -4.75 7.54 5.57
C THR B 91 -3.60 6.67 5.05
N ALA B 92 -3.41 5.51 5.68
CA ALA B 92 -2.47 4.52 5.15
C ALA B 92 -2.76 4.35 3.66
N GLY B 93 -4.05 4.25 3.31
CA GLY B 93 -4.47 4.21 1.92
C GLY B 93 -3.78 5.20 0.98
N LYS B 94 -3.84 6.48 1.33
CA LYS B 94 -3.19 7.52 0.54
C LYS B 94 -1.64 7.38 0.48
N VAL B 95 -1.03 7.03 1.61
CA VAL B 95 0.40 6.98 1.75
C VAL B 95 0.92 5.88 0.86
N TYR B 96 0.30 4.71 0.99
CA TYR B 96 0.67 3.55 0.21
C TYR B 96 0.47 3.86 -1.26
N PHE B 97 -0.63 4.51 -1.61
CA PHE B 97 -0.86 4.87 -2.98
C PHE B 97 0.24 5.77 -3.53
N GLU B 98 0.60 6.79 -2.77
CA GLU B 98 1.65 7.72 -3.16
C GLU B 98 3.02 7.04 -3.34
N VAL B 99 3.38 6.17 -2.39
CA VAL B 99 4.69 5.56 -2.42
C VAL B 99 4.74 4.61 -3.61
N ILE B 100 3.71 3.78 -3.76
CA ILE B 100 3.64 2.87 -4.90
C ILE B 100 3.71 3.62 -6.24
N LYS B 101 3.08 4.77 -6.33
CA LYS B 101 3.04 5.50 -7.58
C LYS B 101 4.41 6.09 -7.90
N LYS B 102 5.07 6.64 -6.89
CA LYS B 102 6.42 7.17 -7.06
C LYS B 102 7.47 6.09 -7.42
N GLU B 103 7.37 4.91 -6.81
CA GLU B 103 8.21 3.78 -7.16
C GLU B 103 8.02 3.42 -8.64
N ARG B 104 6.77 3.20 -9.04
CA ARG B 104 6.43 2.81 -10.40
C ARG B 104 6.94 3.83 -11.41
N GLU B 105 7.18 5.05 -10.92
CA GLU B 105 7.67 6.14 -11.73
C GLU B 105 9.19 6.28 -11.58
N GLY B 106 9.83 5.35 -10.89
CA GLY B 106 11.27 5.37 -10.72
C GLY B 106 11.79 6.55 -9.92
N LYS B 107 10.89 7.19 -9.17
CA LYS B 107 11.26 8.35 -8.36
C LYS B 107 12.15 7.90 -7.21
N TYR B 108 12.24 6.58 -7.00
CA TYR B 108 13.12 6.04 -5.97
C TYR B 108 14.46 5.50 -6.52
N LEU B 109 14.67 5.66 -7.82
CA LEU B 109 15.99 5.46 -8.43
C LEU B 109 16.61 4.07 -8.23
N GLY B 110 15.80 3.03 -8.28
CA GLY B 110 16.33 1.68 -8.20
C GLY B 110 16.49 1.12 -6.79
N GLN B 111 16.21 1.94 -5.79
CA GLN B 111 16.22 1.46 -4.42
C GLN B 111 15.13 0.42 -4.21
N THR B 112 15.35 -0.39 -3.19
CA THR B 112 14.33 -1.30 -2.73
C THR B 112 13.48 -0.51 -1.72
N VAL B 113 12.23 -0.23 -2.08
CA VAL B 113 11.35 0.59 -1.25
C VAL B 113 10.70 -0.21 -0.11
N GLN B 114 10.99 0.19 1.12
CA GLN B 114 10.38 -0.47 2.28
C GLN B 114 9.59 0.46 3.23
N ILE B 115 8.91 -0.17 4.18
CA ILE B 115 8.19 0.54 5.22
C ILE B 115 9.14 1.57 5.80
N ILE B 116 10.19 1.08 6.43
CA ILE B 116 11.29 1.93 6.84
C ILE B 116 12.46 1.88 5.82
N PRO B 117 12.86 3.05 5.30
CA PRO B 117 12.35 4.37 5.71
C PRO B 117 11.34 4.98 4.75
N HIS B 118 11.07 4.35 3.60
CA HIS B 118 10.33 5.07 2.58
C HIS B 118 8.88 5.44 2.97
N VAL B 119 8.20 4.51 3.62
CA VAL B 119 6.84 4.74 4.08
C VAL B 119 6.86 5.71 5.27
N THR B 120 7.76 5.47 6.21
CA THR B 120 7.87 6.38 7.35
C THR B 120 8.19 7.81 6.91
N ASP B 121 8.85 7.98 5.76
CA ASP B 121 9.23 9.31 5.29
C ASP B 121 8.09 10.06 4.62
N GLN B 122 7.22 9.31 3.94
CA GLN B 122 6.01 9.85 3.34
C GLN B 122 5.12 10.39 4.47
N ILE B 123 5.02 9.63 5.54
CA ILE B 123 4.19 10.01 6.65
C ILE B 123 4.66 11.37 7.20
N LYS B 124 5.96 11.49 7.41
CA LYS B 124 6.53 12.73 7.96
C LYS B 124 6.38 13.92 7.00
N ASP B 125 6.61 13.70 5.71
CA ASP B 125 6.33 14.70 4.67
C ASP B 125 4.87 15.16 4.66
N MET B 126 3.94 14.22 4.86
CA MET B 126 2.53 14.59 4.90
C MET B 126 2.16 15.30 6.19
N ILE B 127 2.70 14.85 7.32
CA ILE B 127 2.49 15.58 8.57
C ILE B 127 3.05 16.99 8.44
N ARG B 128 4.34 17.09 8.10
CA ARG B 128 4.99 18.39 7.99
C ARG B 128 4.29 19.29 6.96
N TYR B 129 3.77 18.72 5.86
CA TYR B 129 3.12 19.54 4.84
C TYR B 129 1.81 20.16 5.32
N ALA B 130 1.04 19.39 6.08
CA ALA B 130 -0.17 19.89 6.72
C ALA B 130 0.17 21.05 7.66
N SER B 131 1.36 21.02 8.24
CA SER B 131 1.81 22.11 9.09
C SER B 131 2.08 23.40 8.33
N LYS B 132 2.74 23.31 7.19
CA LYS B 132 3.14 24.54 6.49
C LYS B 132 2.00 25.18 5.68
N ILE B 133 1.15 24.37 5.08
CA ILE B 133 0.07 24.92 4.27
C ILE B 133 -1.08 25.50 5.11
N ASN B 134 -1.23 25.01 6.35
CA ASN B 134 -2.15 25.62 7.30
C ASN B 134 -1.51 26.67 8.22
N ASN B 135 -0.26 27.04 7.91
CA ASN B 135 0.43 28.09 8.67
C ASN B 135 0.43 27.89 10.18
N ALA B 136 0.86 26.71 10.63
CA ALA B 136 0.81 26.36 12.04
C ALA B 136 2.16 26.29 12.76
N GLU B 137 2.20 26.90 13.94
CA GLU B 137 3.32 26.83 14.84
C GLU B 137 3.22 25.55 15.66
N ILE B 138 1.99 25.06 15.83
CA ILE B 138 1.73 23.88 16.64
C ILE B 138 0.79 22.97 15.89
N THR B 139 0.98 21.67 16.03
CA THR B 139 0.23 20.73 15.20
C THR B 139 -0.11 19.49 15.98
N LEU B 140 -1.40 19.25 16.20
CA LEU B 140 -1.81 18.01 16.81
C LEU B 140 -1.87 16.93 15.75
N VAL B 141 -1.43 15.73 16.10
CA VAL B 141 -1.54 14.60 15.21
C VAL B 141 -2.27 13.48 15.91
N GLU B 142 -3.52 13.29 15.53
CA GLU B 142 -4.40 12.30 16.18
C GLU B 142 -4.27 10.97 15.47
N ILE B 143 -3.77 9.98 16.19
CA ILE B 143 -3.46 8.70 15.58
C ILE B 143 -4.47 7.63 15.91
N GLY B 144 -5.26 7.28 14.92
CA GLY B 144 -6.31 6.29 15.07
C GLY B 144 -5.78 4.90 15.35
N GLY B 145 -6.72 4.00 15.65
CA GLY B 145 -6.41 2.60 15.92
C GLY B 145 -5.85 2.30 17.30
N THR B 146 -5.70 1.01 17.57
CA THR B 146 -5.03 0.59 18.78
C THR B 146 -3.52 0.65 18.59
N VAL B 147 -2.85 1.29 19.54
CA VAL B 147 -1.40 1.25 19.56
C VAL B 147 -0.99 -0.20 19.68
N GLY B 148 -0.04 -0.63 18.86
CA GLY B 148 0.44 -2.00 18.90
C GLY B 148 -0.23 -2.95 17.93
N ASP B 149 -1.25 -2.46 17.22
CA ASP B 149 -1.82 -3.19 16.11
C ASP B 149 -0.91 -3.00 14.90
N ILE B 150 -0.87 -4.01 14.02
CA ILE B 150 0.04 -3.94 12.88
C ILE B 150 -0.17 -2.63 12.13
N GLU B 151 -1.43 -2.34 11.80
CA GLU B 151 -1.81 -1.17 11.01
C GLU B 151 -1.25 0.13 11.58
N SER B 152 -0.98 0.15 12.88
CA SER B 152 -0.54 1.37 13.55
C SER B 152 0.96 1.61 13.46
N LEU B 153 1.73 0.51 13.34
CA LEU B 153 3.21 0.59 13.44
C LEU B 153 3.90 1.68 12.63
N PRO B 154 3.58 1.75 11.32
CA PRO B 154 4.30 2.70 10.47
C PRO B 154 4.11 4.14 10.93
N PHE B 155 2.96 4.43 11.51
CA PHE B 155 2.62 5.77 12.00
C PHE B 155 3.26 6.05 13.36
N LEU B 156 3.30 5.04 14.22
CA LEU B 156 4.03 5.15 15.49
C LEU B 156 5.54 5.32 15.28
N GLU B 157 6.12 4.47 14.45
CA GLU B 157 7.53 4.57 14.13
C GLU B 157 7.82 5.94 13.52
N ALA B 158 6.91 6.38 12.66
CA ALA B 158 7.07 7.68 12.04
C ALA B 158 7.21 8.81 13.06
N VAL B 159 6.33 8.84 14.06
CA VAL B 159 6.37 9.91 15.06
C VAL B 159 7.49 9.72 16.09
N ARG B 160 7.91 8.48 16.31
CA ARG B 160 9.08 8.23 17.16
C ARG B 160 10.28 8.91 16.53
N GLN B 161 10.37 8.79 15.21
CA GLN B 161 11.46 9.42 14.48
C GLN B 161 11.32 10.93 14.48
N LEU B 162 10.11 11.40 14.29
CA LEU B 162 9.84 12.83 14.32
C LEU B 162 10.35 13.44 15.63
N LYS B 163 10.39 12.62 16.69
CA LYS B 163 10.88 13.06 17.99
C LYS B 163 12.41 13.10 18.11
N LEU B 164 13.09 12.10 17.54
CA LEU B 164 14.55 12.10 17.48
C LEU B 164 15.09 13.26 16.65
N GLU B 165 14.37 13.60 15.57
CA GLU B 165 14.77 14.68 14.69
C GLU B 165 14.51 16.05 15.29
N GLU B 166 13.30 16.24 15.81
CA GLU B 166 12.85 17.56 16.25
C GLU B 166 13.17 17.85 17.72
N GLY B 167 13.42 16.81 18.50
CA GLY B 167 13.74 16.97 19.90
C GLY B 167 12.58 17.05 20.88
N GLU B 168 12.86 16.68 22.12
CA GLU B 168 11.86 16.60 23.19
C GLU B 168 11.26 17.97 23.51
N ASP B 169 11.94 19.03 23.08
CA ASP B 169 11.44 20.38 23.29
C ASP B 169 10.45 20.81 22.22
N ASN B 170 10.05 19.86 21.37
CA ASN B 170 9.15 20.15 20.27
C ASN B 170 8.25 18.97 19.93
N VAL B 171 8.36 17.85 20.64
CA VAL B 171 7.52 16.69 20.36
C VAL B 171 7.15 15.86 21.58
N ILE B 172 5.83 15.73 21.78
CA ILE B 172 5.30 15.17 23.01
C ILE B 172 4.21 14.17 22.69
N PHE B 173 3.88 13.33 23.65
CA PHE B 173 2.86 12.36 23.43
C PHE B 173 1.86 12.46 24.54
N VAL B 174 0.60 12.43 24.15
CA VAL B 174 -0.52 12.36 25.08
C VAL B 174 -1.28 11.07 24.77
N HIS B 175 -1.40 10.21 25.77
CA HIS B 175 -2.05 8.93 25.55
C HIS B 175 -3.36 8.90 26.30
N ILE B 176 -4.34 8.23 25.73
CA ILE B 176 -5.67 8.18 26.32
C ILE B 176 -6.05 6.75 26.69
N ALA B 177 -6.12 6.50 27.99
CA ALA B 177 -6.41 5.17 28.50
C ALA B 177 -7.77 5.11 29.18
N LEU B 178 -8.53 4.07 28.85
CA LEU B 178 -9.82 3.83 29.49
C LEU B 178 -9.65 3.18 30.85
N VAL B 179 -9.66 3.98 31.93
CA VAL B 179 -9.75 3.44 33.28
C VAL B 179 -11.17 2.91 33.51
N GLU B 180 -11.26 1.77 34.18
CA GLU B 180 -12.57 1.15 34.41
C GLU B 180 -12.45 0.15 35.57
N TYR B 181 -12.85 0.60 36.76
CA TYR B 181 -12.73 -0.21 37.96
C TYR B 181 -13.52 -1.51 37.85
N LEU B 182 -12.92 -2.60 38.34
CA LEU B 182 -13.49 -3.94 38.23
C LEU B 182 -15.00 -3.94 38.38
N SER B 183 -15.64 -4.94 37.77
CA SER B 183 -17.09 -5.04 37.76
C SER B 183 -17.71 -5.22 39.15
N VAL B 184 -17.00 -5.92 40.03
CA VAL B 184 -17.47 -6.10 41.40
C VAL B 184 -16.30 -6.20 42.38
N THR B 185 -15.61 -5.09 42.59
CA THR B 185 -14.47 -5.05 43.50
C THR B 185 -14.12 -3.60 43.84
N GLY B 186 -14.30 -2.72 42.86
CA GLY B 186 -13.97 -1.31 43.03
C GLY B 186 -12.54 -1.00 42.62
N GLU B 187 -11.72 -2.04 42.50
CA GLU B 187 -10.34 -1.90 42.06
C GLU B 187 -10.24 -1.86 40.53
N LEU B 188 -9.35 -1.04 39.99
CA LEU B 188 -9.27 -0.87 38.53
C LEU B 188 -8.53 -1.97 37.77
N LYS B 189 -8.99 -2.26 36.56
CA LYS B 189 -8.35 -3.26 35.72
C LYS B 189 -7.16 -2.69 34.95
N THR B 190 -5.97 -2.97 35.45
CA THR B 190 -4.75 -2.46 34.82
C THR B 190 -4.43 -3.17 33.51
N LYS B 191 -4.92 -4.40 33.35
CA LYS B 191 -4.52 -5.26 32.24
C LYS B 191 -4.42 -4.55 30.87
N PRO B 192 -5.48 -3.85 30.43
CA PRO B 192 -5.34 -3.11 29.17
C PRO B 192 -4.28 -2.03 29.30
N LEU B 193 -4.27 -1.38 30.46
CA LEU B 193 -3.40 -0.23 30.70
C LEU B 193 -1.91 -0.58 30.81
N GLN B 194 -1.58 -1.70 31.46
CA GLN B 194 -0.18 -2.13 31.49
C GLN B 194 0.18 -2.78 30.16
N HIS B 195 -0.82 -3.31 29.46
CA HIS B 195 -0.62 -3.84 28.11
C HIS B 195 -0.24 -2.72 27.14
N SER B 196 -0.81 -1.53 27.31
CA SER B 196 -0.49 -0.40 26.43
C SER B 196 0.95 0.13 26.61
N VAL B 197 1.24 0.67 27.80
CA VAL B 197 2.52 1.33 28.08
C VAL B 197 3.72 0.53 27.54
N GLN B 198 3.63 -0.80 27.61
CA GLN B 198 4.66 -1.69 27.11
C GLN B 198 4.77 -1.62 25.60
N GLU B 199 3.63 -1.79 24.93
CA GLU B 199 3.58 -1.74 23.49
C GLU B 199 4.20 -0.44 22.99
N LEU B 200 4.04 0.63 23.78
CA LEU B 200 4.61 1.91 23.39
C LEU B 200 6.10 1.87 23.61
N ARG B 201 6.53 1.44 24.78
CA ARG B 201 7.94 1.28 24.98
C ARG B 201 8.52 0.32 23.95
N ARG B 202 7.82 -0.80 23.72
CA ARG B 202 8.30 -1.81 22.79
C ARG B 202 8.54 -1.20 21.42
N ILE B 203 7.65 -0.29 21.04
CA ILE B 203 7.77 0.45 19.79
C ILE B 203 8.65 1.68 20.03
N GLY B 204 8.92 1.98 21.30
CA GLY B 204 9.89 2.99 21.66
C GLY B 204 9.32 4.37 21.90
N ILE B 205 8.13 4.41 22.47
CA ILE B 205 7.47 5.68 22.76
C ILE B 205 7.15 5.81 24.25
N GLN B 206 7.56 6.94 24.82
CA GLN B 206 7.31 7.26 26.21
C GLN B 206 6.30 8.39 26.38
N PRO B 207 5.08 8.04 26.81
CA PRO B 207 4.03 9.01 27.13
C PRO B 207 4.53 10.11 28.07
N ASP B 208 4.12 11.35 27.81
CA ASP B 208 4.46 12.49 28.66
C ASP B 208 3.27 12.86 29.55
N PHE B 209 2.09 13.01 28.94
CA PHE B 209 0.86 13.28 29.68
C PHE B 209 -0.08 12.10 29.52
N ILE B 210 -1.00 11.94 30.46
CA ILE B 210 -1.98 10.86 30.33
C ILE B 210 -3.38 11.38 30.57
N VAL B 211 -4.29 10.96 29.70
CA VAL B 211 -5.69 11.20 29.92
C VAL B 211 -6.36 9.86 30.18
N GLY B 212 -6.83 9.68 31.41
CA GLY B 212 -7.65 8.54 31.78
C GLY B 212 -9.12 8.81 31.52
N ARG B 213 -9.76 7.99 30.70
CA ARG B 213 -11.17 8.16 30.40
C ARG B 213 -12.02 7.30 31.32
N ALA B 214 -12.99 7.91 32.00
CA ALA B 214 -13.83 7.21 32.97
C ALA B 214 -15.11 8.00 33.22
N THR B 215 -16.14 7.33 33.72
CA THR B 215 -17.40 7.98 34.03
C THR B 215 -17.10 9.13 34.96
N LEU B 216 -16.39 8.81 36.02
CA LEU B 216 -16.17 9.75 37.09
C LEU B 216 -14.68 10.08 37.17
N PRO B 217 -14.34 11.31 37.58
CA PRO B 217 -12.95 11.75 37.66
C PRO B 217 -12.16 10.69 38.40
N LEU B 218 -10.85 10.68 38.23
CA LEU B 218 -10.02 9.72 38.96
C LEU B 218 -9.66 10.26 40.33
N ASP B 219 -9.80 9.42 41.35
CA ASP B 219 -9.45 9.80 42.71
C ASP B 219 -7.97 10.20 42.77
N ASP B 220 -7.51 10.58 43.96
CA ASP B 220 -6.09 10.84 44.14
C ASP B 220 -5.31 9.55 43.98
N GLU B 221 -5.83 8.48 44.59
CA GLU B 221 -5.15 7.19 44.57
C GLU B 221 -4.93 6.69 43.15
N THR B 222 -5.97 6.14 42.54
CA THR B 222 -5.92 5.64 41.17
C THR B 222 -4.88 6.35 40.29
N ARG B 223 -4.94 7.68 40.23
CA ARG B 223 -4.06 8.42 39.34
C ARG B 223 -2.58 8.26 39.68
N ARG B 224 -2.29 8.03 40.95
CA ARG B 224 -0.93 7.79 41.40
C ARG B 224 -0.49 6.38 41.01
N LYS B 225 -1.47 5.50 40.90
CA LYS B 225 -1.22 4.09 40.58
C LYS B 225 -0.84 3.91 39.13
N ILE B 226 -1.68 4.39 38.24
CA ILE B 226 -1.41 4.28 36.83
C ILE B 226 -0.16 5.11 36.51
N ALA B 227 0.02 6.20 37.25
CA ALA B 227 1.20 7.03 37.10
C ALA B 227 2.42 6.12 37.03
N LEU B 228 2.40 5.09 37.88
CA LEU B 228 3.45 4.08 37.91
C LEU B 228 3.54 3.22 36.65
N PHE B 229 2.49 2.45 36.37
CA PHE B 229 2.49 1.57 35.21
C PHE B 229 2.95 2.33 33.99
N THR B 230 2.51 3.58 33.87
CA THR B 230 2.79 4.39 32.70
C THR B 230 4.10 5.14 32.81
N ASN B 231 4.68 5.14 34.00
CA ASN B 231 5.97 5.80 34.20
C ASN B 231 5.89 7.31 34.00
N VAL B 232 4.71 7.87 34.25
CA VAL B 232 4.52 9.30 34.06
C VAL B 232 4.29 10.03 35.39
N LYS B 233 4.69 11.30 35.43
CA LYS B 233 4.60 12.08 36.65
C LYS B 233 3.14 12.36 36.97
N VAL B 234 2.75 12.15 38.23
CA VAL B 234 1.37 12.36 38.66
C VAL B 234 0.92 13.76 38.28
N ASP B 235 1.87 14.68 38.21
CA ASP B 235 1.58 16.05 37.84
C ASP B 235 1.02 16.17 36.42
N HIS B 236 1.30 15.16 35.60
CA HIS B 236 0.99 15.19 34.18
C HIS B 236 -0.14 14.24 33.75
N ILE B 237 -0.75 13.53 34.70
CA ILE B 237 -1.95 12.75 34.41
C ILE B 237 -3.20 13.63 34.60
N VAL B 238 -4.14 13.54 33.66
CA VAL B 238 -5.30 14.44 33.64
C VAL B 238 -6.56 13.68 33.23
N SER B 239 -7.70 14.14 33.75
CA SER B 239 -8.92 13.33 33.80
C SER B 239 -9.91 13.62 32.66
N SER B 240 -10.53 12.57 32.13
CA SER B 240 -11.64 12.76 31.19
C SER B 240 -12.87 12.00 31.67
N TYR B 241 -13.76 12.73 32.34
CA TYR B 241 -14.95 12.10 32.90
C TYR B 241 -16.22 12.45 32.12
N ASP B 242 -17.20 11.56 32.21
CA ASP B 242 -18.51 11.77 31.59
C ASP B 242 -19.04 13.17 31.84
N VAL B 243 -19.77 13.68 30.86
CA VAL B 243 -20.10 15.09 30.82
C VAL B 243 -21.28 15.22 29.89
N GLU B 244 -22.09 16.25 30.10
CA GLU B 244 -23.38 16.31 29.45
C GLU B 244 -23.32 16.67 27.98
N THR B 245 -22.25 17.37 27.60
CA THR B 245 -22.00 17.73 26.21
C THR B 245 -20.52 17.84 25.92
N SER B 246 -20.11 17.39 24.74
CA SER B 246 -18.72 17.40 24.33
C SER B 246 -18.09 18.78 24.49
N TYR B 247 -18.91 19.81 24.32
CA TYR B 247 -18.42 21.17 24.37
C TYR B 247 -17.94 21.61 25.76
N GLU B 248 -18.27 20.82 26.79
CA GLU B 248 -17.76 21.06 28.15
C GLU B 248 -16.28 20.69 28.25
N VAL B 249 -15.91 19.64 27.52
CA VAL B 249 -14.57 19.08 27.55
C VAL B 249 -13.47 20.12 27.69
N PRO B 250 -13.48 21.14 26.80
CA PRO B 250 -12.48 22.21 26.88
C PRO B 250 -12.44 22.87 28.25
N ILE B 251 -13.60 23.02 28.87
CA ILE B 251 -13.68 23.72 30.14
C ILE B 251 -13.18 22.90 31.32
N ILE B 252 -13.39 21.59 31.29
CA ILE B 252 -12.84 20.72 32.32
C ILE B 252 -11.31 20.57 32.17
N LEU B 253 -10.81 20.89 30.99
CA LEU B 253 -9.39 20.74 30.67
C LEU B 253 -8.54 21.89 31.22
N GLU B 254 -9.16 23.07 31.33
CA GLU B 254 -8.47 24.24 31.83
C GLU B 254 -8.62 24.35 33.34
N SER B 255 -9.68 23.75 33.86
CA SER B 255 -9.86 23.61 35.30
C SER B 255 -8.73 22.71 35.80
N GLN B 256 -8.25 21.84 34.92
CA GLN B 256 -7.10 21.02 35.21
C GLN B 256 -5.84 21.62 34.58
N LYS B 257 -6.02 22.68 33.79
CA LYS B 257 -4.91 23.44 33.20
C LYS B 257 -4.05 22.60 32.25
N LEU B 258 -4.55 21.43 31.88
CA LEU B 258 -3.74 20.50 31.12
C LEU B 258 -2.96 21.18 30.00
N VAL B 259 -3.55 22.21 29.40
CA VAL B 259 -2.87 22.89 28.31
C VAL B 259 -1.74 23.82 28.79
N SER B 260 -1.83 24.26 30.04
CA SER B 260 -0.73 25.00 30.65
C SER B 260 0.46 24.06 30.77
N LYS B 261 0.29 22.98 31.54
CA LYS B 261 1.32 21.97 31.66
C LYS B 261 1.94 21.72 30.29
N ILE B 262 1.09 21.38 29.32
CA ILE B 262 1.51 21.13 27.95
C ILE B 262 2.43 22.23 27.38
N LEU B 263 1.97 23.48 27.39
CA LEU B 263 2.71 24.58 26.76
C LEU B 263 4.13 24.73 27.32
N SER B 264 4.26 24.70 28.64
CA SER B 264 5.57 24.72 29.27
C SER B 264 6.41 23.64 28.65
N ARG B 265 5.94 22.40 28.78
CA ARG B 265 6.66 21.23 28.33
C ARG B 265 7.22 21.39 26.91
N LEU B 266 6.75 22.39 26.18
CA LEU B 266 7.33 22.74 24.88
C LEU B 266 8.32 23.91 24.96
N LYS B 267 8.22 24.71 26.02
CA LYS B 267 9.05 25.89 26.22
C LYS B 267 8.49 27.13 25.51
N LEU B 268 7.15 27.22 25.46
CA LEU B 268 6.40 28.39 24.99
C LEU B 268 5.73 29.10 26.18
N GLU B 269 5.13 30.27 25.96
CA GLU B 269 4.50 31.00 27.05
C GLU B 269 3.38 31.94 26.60
N ASP B 270 2.23 31.86 27.28
CA ASP B 270 1.07 32.70 27.00
C ASP B 270 -0.08 32.31 27.93
N ARG B 271 -1.01 33.23 28.16
CA ARG B 271 -2.14 32.94 29.03
C ARG B 271 -3.38 33.79 28.76
N GLN B 272 -4.15 33.98 29.82
CA GLN B 272 -5.36 34.79 29.77
C GLN B 272 -6.23 34.44 28.58
N VAL B 273 -6.80 33.24 28.63
CA VAL B 273 -7.86 32.85 27.72
C VAL B 273 -9.22 33.18 28.32
N ASP B 274 -10.09 33.75 27.53
CA ASP B 274 -11.45 34.01 27.98
C ASP B 274 -12.42 33.10 27.24
N LEU B 275 -13.08 32.22 27.98
CA LEU B 275 -14.05 31.30 27.41
C LEU B 275 -15.47 31.80 27.60
N THR B 276 -15.64 32.84 28.42
CA THR B 276 -16.95 33.43 28.69
C THR B 276 -17.92 33.28 27.52
N ASP B 277 -17.41 33.50 26.31
CA ASP B 277 -18.19 33.39 25.09
C ASP B 277 -18.48 31.94 24.74
N TRP B 278 -17.50 31.07 24.94
CA TRP B 278 -17.72 29.64 24.82
C TRP B 278 -18.50 29.11 26.02
N ILE B 279 -18.22 29.65 27.21
CA ILE B 279 -18.89 29.24 28.42
C ILE B 279 -20.40 29.45 28.35
N SER B 280 -20.80 30.62 27.84
CA SER B 280 -22.22 30.90 27.70
C SER B 280 -22.86 30.01 26.62
N PHE B 281 -22.13 29.77 25.54
CA PHE B 281 -22.62 28.87 24.49
C PHE B 281 -22.92 27.52 25.09
N VAL B 282 -22.04 27.08 25.98
CA VAL B 282 -22.18 25.79 26.62
C VAL B 282 -23.40 25.69 27.51
N ASN B 283 -23.60 26.72 28.34
CA ASN B 283 -24.72 26.73 29.25
C ASN B 283 -26.01 26.78 28.47
N ASN B 284 -25.94 27.31 27.25
CA ASN B 284 -27.09 27.34 26.36
C ASN B 284 -27.35 25.95 25.82
N ILE B 285 -26.32 25.14 25.79
CA ILE B 285 -26.43 23.77 25.32
C ILE B 285 -27.05 22.82 26.35
N LYS B 286 -26.89 23.15 27.63
CA LYS B 286 -27.39 22.28 28.70
C LYS B 286 -28.89 22.48 28.99
N GLY B 287 -29.50 23.47 28.35
CA GLY B 287 -30.91 23.77 28.54
C GLY B 287 -31.14 24.84 29.58
N ILE B 288 -30.04 25.42 30.06
CA ILE B 288 -30.07 26.49 31.04
C ILE B 288 -30.70 27.75 30.43
N ASN B 289 -31.66 28.33 31.16
CA ASN B 289 -32.53 29.39 30.66
C ASN B 289 -33.18 29.01 29.33
N SER B 290 -33.72 27.79 29.29
CA SER B 290 -34.42 27.30 28.10
C SER B 290 -35.82 27.91 28.01
N LYS B 291 -36.17 28.40 26.82
CA LYS B 291 -37.44 29.07 26.57
C LYS B 291 -38.56 28.11 26.12
N LYS B 292 -38.22 26.83 25.94
CA LYS B 292 -39.16 25.86 25.39
C LYS B 292 -38.48 24.54 25.05
N THR B 293 -39.28 23.56 24.64
CA THR B 293 -38.76 22.30 24.15
C THR B 293 -39.45 21.95 22.84
N ILE B 294 -38.63 21.73 21.80
CA ILE B 294 -39.15 21.37 20.50
C ILE B 294 -38.78 19.93 20.18
N ASN B 295 -39.69 19.22 19.55
CA ASN B 295 -39.36 17.89 19.09
C ASN B 295 -39.13 17.95 17.62
N ILE B 296 -38.01 17.40 17.18
CA ILE B 296 -37.77 17.25 15.76
C ILE B 296 -37.69 15.78 15.49
N ALA B 297 -38.47 15.35 14.51
CA ALA B 297 -38.39 13.98 14.07
C ALA B 297 -37.32 14.00 13.01
N LEU B 298 -36.53 12.96 12.97
CA LEU B 298 -35.52 12.84 11.95
C LEU B 298 -35.72 11.49 11.34
N VAL B 299 -35.79 11.45 10.01
CA VAL B 299 -36.19 10.23 9.34
C VAL B 299 -35.14 9.69 8.38
N GLY B 300 -34.54 8.59 8.76
CA GLY B 300 -33.66 7.89 7.87
C GLY B 300 -33.34 6.53 8.41
N LYS B 301 -32.10 6.11 8.18
CA LYS B 301 -31.63 4.84 8.65
C LYS B 301 -30.36 5.06 9.47
N TYR B 302 -29.81 3.97 9.99
CA TYR B 302 -28.63 4.04 10.84
C TYR B 302 -28.89 4.95 12.04
N THR B 303 -30.17 5.22 12.32
CA THR B 303 -30.51 6.24 13.33
C THR B 303 -30.09 5.86 14.74
N LYS B 304 -29.93 4.57 14.98
CA LYS B 304 -29.42 4.07 16.26
C LYS B 304 -27.92 4.35 16.46
N LEU B 305 -27.16 4.52 15.37
CA LEU B 305 -25.74 4.89 15.49
C LEU B 305 -25.57 6.31 16.02
N LYS B 306 -24.75 6.47 17.04
CA LYS B 306 -24.54 7.78 17.62
C LYS B 306 -24.04 8.79 16.57
N ASP B 307 -23.03 8.43 15.77
CA ASP B 307 -22.38 9.43 14.93
C ASP B 307 -22.68 9.38 13.43
N SER B 308 -23.64 8.55 13.06
CA SER B 308 -24.14 8.47 11.68
C SER B 308 -24.52 9.82 11.06
N TYR B 309 -24.99 10.74 11.88
CA TYR B 309 -25.39 12.04 11.37
C TYR B 309 -24.93 13.16 12.28
N ILE B 310 -23.71 13.02 12.79
CA ILE B 310 -23.24 13.90 13.84
C ILE B 310 -23.33 15.39 13.51
N SER B 311 -23.16 15.74 12.23
CA SER B 311 -23.13 17.15 11.84
C SER B 311 -24.51 17.81 11.76
N ILE B 312 -25.51 17.05 11.31
CA ILE B 312 -26.87 17.51 11.30
C ILE B 312 -27.30 17.73 12.75
N LYS B 313 -26.94 16.79 13.60
CA LYS B 313 -27.31 16.86 15.00
C LYS B 313 -26.69 18.11 15.64
N GLU B 314 -25.40 18.33 15.36
CA GLU B 314 -24.66 19.42 15.97
C GLU B 314 -25.15 20.74 15.43
N ALA B 315 -25.52 20.75 14.16
CA ALA B 315 -26.09 21.95 13.57
C ALA B 315 -27.45 22.33 14.23
N ILE B 316 -28.27 21.32 14.53
CA ILE B 316 -29.51 21.49 15.30
C ILE B 316 -29.23 22.07 16.69
N TYR B 317 -28.17 21.58 17.33
CA TYR B 317 -27.76 22.14 18.61
C TYR B 317 -27.33 23.62 18.52
N HIS B 318 -26.53 23.97 17.51
CA HIS B 318 -26.04 25.33 17.40
C HIS B 318 -27.17 26.34 17.15
N ALA B 319 -28.11 25.99 16.29
CA ALA B 319 -29.24 26.85 15.96
C ALA B 319 -30.12 27.06 17.20
N SER B 320 -30.41 25.95 17.88
CA SER B 320 -31.23 25.98 19.08
C SER B 320 -30.60 26.77 20.21
N ALA B 321 -29.35 26.42 20.54
CA ALA B 321 -28.62 27.04 21.63
C ALA B 321 -28.53 28.54 21.39
N TYR B 322 -28.39 28.91 20.12
CA TYR B 322 -28.28 30.31 19.71
C TYR B 322 -29.55 31.12 19.99
N ILE B 323 -30.71 30.50 19.81
CA ILE B 323 -31.99 31.18 19.99
C ILE B 323 -32.67 30.70 21.26
N GLY B 324 -31.91 30.04 22.12
CA GLY B 324 -32.40 29.54 23.38
C GLY B 324 -33.64 28.66 23.23
N VAL B 325 -33.42 27.39 22.91
CA VAL B 325 -34.51 26.44 22.86
C VAL B 325 -33.93 25.05 23.03
N ARG B 326 -34.68 24.17 23.70
CA ARG B 326 -34.17 22.83 23.99
C ARG B 326 -34.66 21.79 22.99
N PRO B 327 -33.75 21.32 22.13
CA PRO B 327 -34.01 20.28 21.12
C PRO B 327 -34.23 18.91 21.75
N LYS B 328 -35.30 18.26 21.33
CA LYS B 328 -35.46 16.85 21.64
C LYS B 328 -35.57 16.09 20.33
N LEU B 329 -34.71 15.09 20.15
CA LEU B 329 -34.58 14.39 18.87
C LEU B 329 -35.34 13.06 18.85
N ILE B 330 -36.30 12.95 17.93
CA ILE B 330 -37.07 11.75 17.74
C ILE B 330 -36.56 11.11 16.47
N TRP B 331 -35.70 10.10 16.62
CA TRP B 331 -35.16 9.34 15.51
C TRP B 331 -36.19 8.32 15.01
N ILE B 332 -36.43 8.34 13.71
CA ILE B 332 -37.43 7.46 13.15
C ILE B 332 -36.88 6.70 11.96
N GLU B 333 -36.75 5.39 12.12
CA GLU B 333 -36.37 4.52 11.00
C GLU B 333 -37.42 4.62 9.90
N SER B 334 -36.95 4.89 8.69
CA SER B 334 -37.85 5.16 7.57
C SER B 334 -38.72 3.97 7.23
N THR B 335 -38.37 2.80 7.75
CA THR B 335 -39.18 1.63 7.48
C THR B 335 -40.43 1.64 8.35
N ASP B 336 -40.29 2.10 9.59
CA ASP B 336 -41.43 2.18 10.50
C ASP B 336 -42.56 3.08 9.98
N LEU B 337 -42.36 3.65 8.80
CA LEU B 337 -43.37 4.52 8.18
C LEU B 337 -43.94 3.82 6.95
N GLU B 338 -43.28 2.75 6.54
CA GLU B 338 -43.67 2.04 5.34
C GLU B 338 -44.86 1.10 5.59
N SER B 339 -46.03 1.71 5.73
CA SER B 339 -47.28 1.01 6.00
C SER B 339 -48.46 1.86 5.54
N ASP B 340 -49.10 1.45 4.46
CA ASP B 340 -50.36 2.05 4.06
C ASP B 340 -51.37 1.63 5.12
N THR B 341 -51.02 0.54 5.81
CA THR B 341 -51.67 0.15 7.05
C THR B 341 -51.32 1.17 8.12
N LYS B 342 -50.98 0.68 9.31
CA LYS B 342 -50.48 1.50 10.43
C LYS B 342 -50.33 2.95 10.07
N ASN B 343 -51.10 3.81 10.73
CA ASN B 343 -51.10 5.22 10.40
C ASN B 343 -50.10 6.01 11.25
N LEU B 344 -49.92 7.29 10.91
CA LEU B 344 -48.79 8.05 11.40
C LEU B 344 -49.16 9.42 11.93
N ASN B 345 -50.43 9.80 11.77
CA ASN B 345 -50.88 11.13 12.22
C ASN B 345 -50.89 11.27 13.75
N GLU B 346 -50.04 10.45 14.38
CA GLU B 346 -49.92 10.40 15.84
C GLU B 346 -48.45 10.16 16.16
N ILE B 347 -47.74 9.56 15.20
CA ILE B 347 -46.29 9.36 15.27
C ILE B 347 -45.56 10.68 15.03
N LEU B 348 -46.13 11.53 14.19
CA LEU B 348 -45.53 12.82 13.87
C LEU B 348 -46.53 13.93 14.15
N GLY B 349 -47.67 13.55 14.74
CA GLY B 349 -48.62 14.51 15.26
C GLY B 349 -47.97 15.27 16.40
N ASN B 350 -47.14 14.56 17.16
CA ASN B 350 -46.42 15.16 18.27
C ASN B 350 -45.24 16.06 17.90
N VAL B 351 -44.48 15.74 16.85
CA VAL B 351 -43.27 16.51 16.55
C VAL B 351 -43.58 17.84 15.89
N ASN B 352 -42.76 18.83 16.19
CA ASN B 352 -42.98 20.20 15.76
C ASN B 352 -42.10 20.53 14.57
N GLY B 353 -41.57 19.50 13.91
CA GLY B 353 -40.65 19.68 12.81
C GLY B 353 -40.05 18.38 12.33
N ILE B 354 -39.80 18.31 11.04
CA ILE B 354 -39.35 17.06 10.44
C ILE B 354 -38.19 17.28 9.49
N ILE B 355 -37.24 16.35 9.56
CA ILE B 355 -36.08 16.39 8.72
C ILE B 355 -35.94 15.02 8.10
N VAL B 356 -35.80 14.99 6.77
CA VAL B 356 -35.46 13.75 6.07
C VAL B 356 -33.97 13.69 5.76
N LEU B 357 -33.35 12.64 6.26
CA LEU B 357 -31.90 12.44 6.25
C LEU B 357 -31.28 12.17 4.88
N PRO B 358 -30.04 12.63 4.70
CA PRO B 358 -29.11 12.25 3.62
C PRO B 358 -28.94 10.73 3.57
N GLY B 359 -28.41 10.23 2.46
CA GLY B 359 -28.14 8.80 2.37
C GLY B 359 -29.19 8.08 1.56
N PHE B 360 -28.72 7.21 0.68
CA PHE B 360 -29.48 6.84 -0.51
C PHE B 360 -29.90 5.40 -0.59
N GLY B 361 -29.81 4.85 -1.79
CA GLY B 361 -30.35 3.53 -2.07
C GLY B 361 -31.85 3.64 -2.23
N SER B 362 -32.56 2.70 -1.63
CA SER B 362 -34.01 2.66 -1.73
C SER B 362 -34.53 1.91 -0.53
N ARG B 363 -33.65 1.69 0.44
CA ARG B 363 -34.00 0.93 1.62
C ARG B 363 -35.38 1.30 2.15
N GLY B 364 -35.56 2.57 2.48
CA GLY B 364 -36.81 3.02 3.07
C GLY B 364 -37.39 4.27 2.41
N ALA B 365 -37.28 4.32 1.08
CA ALA B 365 -37.65 5.52 0.33
C ALA B 365 -39.15 5.89 0.34
N GLU B 366 -40.02 4.94 0.64
CA GLU B 366 -41.44 5.29 0.78
C GLU B 366 -41.72 5.86 2.16
N GLY B 367 -41.10 5.25 3.17
CA GLY B 367 -41.20 5.75 4.53
C GLY B 367 -40.81 7.22 4.56
N LYS B 368 -39.70 7.53 3.91
CA LYS B 368 -39.19 8.91 3.80
C LYS B 368 -40.15 9.79 2.99
N ILE B 369 -40.66 9.24 1.90
CA ILE B 369 -41.59 9.99 1.05
C ILE B 369 -42.93 10.28 1.75
N LYS B 370 -43.40 9.36 2.57
CA LYS B 370 -44.63 9.58 3.31
C LYS B 370 -44.44 10.68 4.36
N ALA B 371 -43.31 10.63 5.03
CA ALA B 371 -42.98 11.62 6.05
C ALA B 371 -42.96 13.01 5.42
N ILE B 372 -42.46 13.09 4.20
CA ILE B 372 -42.44 14.37 3.49
C ILE B 372 -43.85 14.84 3.15
N LYS B 373 -44.63 13.93 2.55
CA LYS B 373 -46.03 14.19 2.22
C LYS B 373 -46.74 14.69 3.47
N TYR B 374 -46.50 14.02 4.59
CA TYR B 374 -47.11 14.43 5.85
C TYR B 374 -46.66 15.82 6.28
N ALA B 375 -45.37 16.14 6.13
CA ALA B 375 -44.89 17.46 6.54
C ALA B 375 -45.54 18.55 5.68
N ARG B 376 -45.52 18.33 4.37
CA ARG B 376 -46.08 19.27 3.43
C ARG B 376 -47.58 19.47 3.65
N GLU B 377 -48.34 18.37 3.76
CA GLU B 377 -49.80 18.44 3.85
C GLU B 377 -50.34 19.02 5.18
N HIS B 378 -49.67 18.69 6.29
CA HIS B 378 -50.08 19.15 7.61
C HIS B 378 -49.29 20.39 8.04
N ASN B 379 -48.53 20.96 7.10
CA ASN B 379 -47.81 22.22 7.32
C ASN B 379 -46.81 22.18 8.48
N ILE B 380 -46.26 21.00 8.76
CA ILE B 380 -45.17 20.85 9.74
C ILE B 380 -43.82 21.31 9.15
N PRO B 381 -43.12 22.26 9.82
CA PRO B 381 -41.86 22.77 9.25
C PRO B 381 -40.87 21.63 8.96
N PHE B 382 -40.28 21.71 7.77
CA PHE B 382 -39.52 20.60 7.25
C PHE B 382 -38.27 21.04 6.49
N LEU B 383 -37.20 20.27 6.69
CA LEU B 383 -35.90 20.54 6.08
C LEU B 383 -35.45 19.29 5.34
N GLY B 384 -35.19 19.43 4.04
CA GLY B 384 -34.73 18.31 3.22
C GLY B 384 -33.25 18.42 2.90
N ILE B 385 -32.52 17.35 3.18
CA ILE B 385 -31.08 17.34 2.95
C ILE B 385 -30.70 16.20 2.01
N CYS B 386 -30.09 16.54 0.87
CA CYS B 386 -29.45 15.56 -0.06
C CYS B 386 -30.42 14.53 -0.60
N PHE B 387 -30.27 13.27 -0.21
CA PHE B 387 -31.29 12.32 -0.64
C PHE B 387 -32.69 12.79 -0.20
N GLY B 388 -32.76 13.54 0.90
CA GLY B 388 -34.00 14.08 1.39
C GLY B 388 -34.54 15.09 0.41
N PHE B 389 -33.66 15.98 -0.05
CA PHE B 389 -34.09 16.98 -1.00
C PHE B 389 -34.66 16.31 -2.27
N GLN B 390 -34.01 15.25 -2.73
CA GLN B 390 -34.42 14.54 -3.93
C GLN B 390 -35.78 13.85 -3.77
N LEU B 391 -36.06 13.34 -2.58
CA LEU B 391 -37.36 12.72 -2.35
C LEU B 391 -38.47 13.77 -2.23
N SER B 392 -38.10 15.02 -1.96
CA SER B 392 -39.09 16.10 -2.02
C SER B 392 -39.53 16.30 -3.46
N ILE B 393 -38.56 16.38 -4.37
CA ILE B 393 -38.90 16.48 -5.78
C ILE B 393 -39.83 15.35 -6.17
N VAL B 394 -39.51 14.14 -5.74
CA VAL B 394 -40.29 12.95 -6.07
C VAL B 394 -41.69 13.02 -5.44
N GLU B 395 -41.74 13.42 -4.17
CA GLU B 395 -43.01 13.49 -3.47
C GLU B 395 -43.89 14.58 -4.07
N PHE B 396 -43.31 15.75 -4.32
CA PHE B 396 -44.06 16.87 -4.89
C PHE B 396 -44.61 16.54 -6.26
N ALA B 397 -43.82 15.80 -7.05
CA ALA B 397 -44.24 15.44 -8.39
C ALA B 397 -45.35 14.40 -8.45
N ARG B 398 -45.30 13.38 -7.58
CA ARG B 398 -46.33 12.34 -7.64
C ARG B 398 -47.61 12.74 -6.92
N ASP B 399 -47.52 13.66 -5.97
CA ASP B 399 -48.70 14.06 -5.19
C ASP B 399 -49.33 15.38 -5.62
N VAL B 400 -48.54 16.45 -5.72
CA VAL B 400 -49.06 17.73 -6.18
C VAL B 400 -49.15 17.80 -7.69
N LEU B 401 -48.04 17.51 -8.37
CA LEU B 401 -48.07 17.54 -9.83
C LEU B 401 -49.02 16.46 -10.36
N GLY B 402 -48.94 15.26 -9.77
CA GLY B 402 -49.75 14.15 -10.24
C GLY B 402 -49.08 13.08 -11.10
N LEU B 403 -47.75 13.09 -11.18
CA LEU B 403 -47.05 12.03 -11.91
C LEU B 403 -46.84 10.80 -11.04
N SER B 404 -47.83 9.92 -11.07
CA SER B 404 -47.81 8.71 -10.24
C SER B 404 -46.52 7.92 -10.37
N GLU B 405 -45.83 8.07 -11.51
CA GLU B 405 -44.62 7.27 -11.77
C GLU B 405 -43.27 7.99 -11.59
N ALA B 406 -43.32 9.24 -11.13
CA ALA B 406 -42.10 10.00 -10.88
C ALA B 406 -41.18 9.26 -9.91
N ASN B 407 -39.86 9.34 -10.20
CA ASN B 407 -38.88 8.73 -9.32
C ASN B 407 -37.47 9.20 -9.64
N SER B 408 -36.53 8.83 -8.76
CA SER B 408 -35.12 8.95 -9.09
C SER B 408 -34.74 7.72 -9.90
N THR B 409 -33.83 7.91 -10.84
CA THR B 409 -33.31 6.79 -11.58
C THR B 409 -32.43 5.93 -10.68
N GLU B 410 -31.96 6.50 -9.58
CA GLU B 410 -31.16 5.75 -8.60
C GLU B 410 -31.96 4.58 -8.00
N ILE B 411 -33.27 4.80 -7.84
CA ILE B 411 -34.13 3.78 -7.24
C ILE B 411 -34.72 2.86 -8.31
N ASN B 412 -35.24 3.46 -9.37
CA ASN B 412 -35.72 2.72 -10.54
C ASN B 412 -35.20 3.39 -11.78
N PRO B 413 -34.15 2.82 -12.38
CA PRO B 413 -33.52 3.38 -13.56
C PRO B 413 -34.50 3.42 -14.71
N ASN B 414 -35.67 2.84 -14.51
CA ASN B 414 -36.65 2.66 -15.59
C ASN B 414 -37.89 3.55 -15.58
N THR B 415 -38.08 4.39 -14.56
CA THR B 415 -39.34 5.15 -14.43
C THR B 415 -39.73 5.93 -15.68
N LYS B 416 -41.04 6.14 -15.83
CA LYS B 416 -41.59 6.90 -16.93
C LYS B 416 -41.22 8.38 -16.81
N ASP B 417 -41.02 8.81 -15.57
CA ASP B 417 -40.67 10.20 -15.29
C ASP B 417 -39.42 10.32 -14.39
N PRO B 418 -38.23 10.28 -15.01
CA PRO B 418 -36.96 10.45 -14.30
C PRO B 418 -36.86 11.88 -13.80
N VAL B 419 -37.59 12.17 -12.73
CA VAL B 419 -37.64 13.52 -12.20
C VAL B 419 -36.33 13.87 -11.50
N ILE B 420 -35.67 12.84 -10.95
CA ILE B 420 -34.29 12.95 -10.49
C ILE B 420 -33.46 12.00 -11.32
N THR B 421 -32.27 12.44 -11.72
CA THR B 421 -31.45 11.60 -12.59
C THR B 421 -29.97 11.97 -12.59
N LEU B 422 -29.16 11.10 -13.16
CA LEU B 422 -27.78 11.45 -13.50
C LEU B 422 -27.76 12.43 -14.69
N LEU B 423 -26.82 13.37 -14.65
CA LEU B 423 -26.62 14.28 -15.77
C LEU B 423 -25.14 14.30 -16.22
N ASP B 424 -24.90 14.66 -17.49
CA ASP B 424 -23.54 14.90 -17.95
C ASP B 424 -23.21 16.39 -17.98
N GLU B 425 -21.93 16.70 -18.14
CA GLU B 425 -21.42 18.08 -18.03
C GLU B 425 -22.19 19.12 -18.87
N GLN B 426 -23.03 18.68 -19.81
CA GLN B 426 -23.69 19.61 -20.72
C GLN B 426 -24.49 18.92 -21.83
N LYS B 427 -25.69 18.42 -21.55
CA LYS B 427 -26.49 17.78 -22.61
C LYS B 427 -28.01 17.62 -22.39
N ASN B 428 -28.47 17.16 -21.22
CA ASN B 428 -27.63 16.85 -20.06
C ASN B 428 -27.97 15.48 -19.50
N VAL B 429 -29.03 14.86 -20.00
CA VAL B 429 -29.49 13.57 -19.50
C VAL B 429 -28.61 12.38 -19.91
N THR B 430 -28.30 11.53 -18.94
CA THR B 430 -27.43 10.38 -19.16
C THR B 430 -27.55 9.34 -18.07
N GLN B 431 -27.52 8.08 -18.47
CA GLN B 431 -27.41 6.99 -17.52
C GLN B 431 -25.92 6.61 -17.42
N LEU B 432 -25.04 7.49 -17.90
CA LEU B 432 -23.60 7.30 -17.78
C LEU B 432 -23.18 7.10 -16.32
N GLY B 433 -22.68 8.16 -15.71
CA GLY B 433 -22.21 8.09 -14.35
C GLY B 433 -22.19 9.49 -13.79
N GLY B 434 -22.98 10.36 -14.40
CA GLY B 434 -23.21 11.71 -13.90
C GLY B 434 -21.97 12.48 -13.52
N THR B 435 -22.17 13.67 -12.96
CA THR B 435 -21.07 14.46 -12.43
C THR B 435 -21.22 14.66 -10.92
N MET B 436 -20.36 13.97 -10.18
CA MET B 436 -20.31 14.04 -8.72
C MET B 436 -19.85 15.43 -8.25
N ARG B 437 -20.68 16.10 -7.46
CA ARG B 437 -20.28 17.39 -6.92
C ARG B 437 -19.84 17.24 -5.46
N LEU B 438 -18.75 17.94 -5.15
CA LEU B 438 -17.98 17.73 -3.94
C LEU B 438 -17.39 19.03 -3.47
N GLY B 439 -17.57 19.33 -2.18
CA GLY B 439 -17.02 20.54 -1.60
C GLY B 439 -17.80 21.83 -1.78
N ALA B 440 -17.18 22.91 -1.32
CA ALA B 440 -17.69 24.25 -1.47
C ALA B 440 -18.03 24.48 -2.93
N GLN B 441 -19.28 24.85 -3.17
CA GLN B 441 -19.72 25.23 -4.49
C GLN B 441 -20.55 26.49 -4.32
N LYS B 442 -20.75 27.23 -5.41
CA LYS B 442 -21.49 28.49 -5.38
C LYS B 442 -22.99 28.29 -5.59
N ILE B 443 -23.80 28.97 -4.79
CA ILE B 443 -25.25 28.92 -4.96
C ILE B 443 -25.86 30.30 -5.09
N ILE B 444 -26.52 30.52 -6.22
CA ILE B 444 -27.16 31.79 -6.53
C ILE B 444 -28.62 31.87 -6.05
N LEU B 445 -28.84 32.61 -4.97
CA LEU B 445 -30.17 32.74 -4.42
C LEU B 445 -31.04 33.71 -5.20
N LYS B 446 -32.29 33.32 -5.42
CA LYS B 446 -33.30 34.19 -5.99
C LYS B 446 -33.85 35.15 -4.93
N GLU B 447 -33.94 36.42 -5.28
CA GLU B 447 -34.51 37.40 -4.35
C GLU B 447 -36.00 37.13 -4.10
N GLY B 448 -36.46 37.51 -2.90
CA GLY B 448 -37.86 37.36 -2.54
C GLY B 448 -38.20 36.07 -1.84
N THR B 449 -37.36 35.06 -2.02
CA THR B 449 -37.63 33.73 -1.47
C THR B 449 -37.17 33.60 -0.02
N ILE B 450 -37.54 32.50 0.62
CA ILE B 450 -37.09 32.20 1.97
C ILE B 450 -35.57 32.07 2.01
N ALA B 451 -35.02 31.43 0.99
CA ALA B 451 -33.56 31.19 0.90
C ALA B 451 -32.76 32.49 0.93
N TYR B 452 -33.17 33.43 0.09
CA TYR B 452 -32.48 34.71 0.02
C TYR B 452 -32.48 35.38 1.39
N GLN B 453 -33.65 35.37 2.02
CA GLN B 453 -33.84 35.97 3.33
C GLN B 453 -32.94 35.33 4.39
N LEU B 454 -32.97 34.00 4.45
CA LEU B 454 -32.16 33.27 5.41
C LEU B 454 -30.66 33.63 5.34
N TYR B 455 -30.17 33.86 4.12
CA TYR B 455 -28.75 34.13 3.94
C TYR B 455 -28.51 35.63 3.94
N GLY B 456 -29.54 36.38 3.55
CA GLY B 456 -29.44 37.82 3.49
C GLY B 456 -28.55 38.31 2.38
N LYS B 457 -28.33 37.49 1.36
CA LYS B 457 -27.53 37.87 0.21
C LYS B 457 -27.70 36.93 -0.97
N LYS B 458 -27.40 37.46 -2.16
CA LYS B 458 -27.59 36.75 -3.42
C LYS B 458 -26.66 35.52 -3.62
N VAL B 459 -25.37 35.65 -3.29
CA VAL B 459 -24.41 34.57 -3.55
C VAL B 459 -23.73 34.00 -2.32
N VAL B 460 -23.79 32.68 -2.21
CA VAL B 460 -23.27 32.00 -1.04
C VAL B 460 -22.73 30.65 -1.49
N TYR B 461 -22.23 29.89 -0.53
CA TYR B 461 -21.58 28.62 -0.79
C TYR B 461 -21.90 27.59 0.27
N GLU B 462 -22.15 26.36 -0.16
CA GLU B 462 -22.26 25.22 0.73
C GLU B 462 -21.44 24.05 0.17
N ARG B 463 -21.08 23.12 1.04
CA ARG B 463 -20.31 21.97 0.61
C ARG B 463 -21.22 20.91 0.00
N HIS B 464 -20.82 20.35 -1.14
CA HIS B 464 -21.60 19.33 -1.80
C HIS B 464 -21.05 17.92 -1.68
N ARG B 465 -21.95 16.95 -1.84
CA ARG B 465 -21.60 15.53 -1.88
C ARG B 465 -22.73 14.71 -2.50
N HIS B 466 -23.00 14.93 -3.78
CA HIS B 466 -24.12 14.28 -4.48
C HIS B 466 -23.85 14.12 -5.97
N ARG B 467 -24.57 13.21 -6.63
CA ARG B 467 -24.45 13.08 -8.09
C ARG B 467 -25.81 13.10 -8.84
N TYR B 468 -26.88 12.80 -8.12
CA TYR B 468 -28.21 12.80 -8.71
C TYR B 468 -28.88 14.18 -8.67
N GLU B 469 -29.21 14.71 -9.84
CA GLU B 469 -29.78 16.05 -9.95
C GLU B 469 -31.25 16.04 -10.31
N VAL B 470 -31.86 17.20 -10.10
CA VAL B 470 -33.17 17.49 -10.66
C VAL B 470 -33.08 17.54 -12.18
N ASN B 471 -33.99 16.81 -12.83
CA ASN B 471 -34.10 16.78 -14.27
C ASN B 471 -34.56 18.14 -14.75
N PRO B 472 -33.80 18.79 -15.64
CA PRO B 472 -34.20 20.14 -16.06
C PRO B 472 -35.50 20.17 -16.85
N LYS B 473 -35.79 19.09 -17.59
CA LYS B 473 -37.01 18.99 -18.40
C LYS B 473 -38.28 19.17 -17.54
N TYR B 474 -38.21 18.75 -16.28
CA TYR B 474 -39.36 18.82 -15.37
C TYR B 474 -39.46 20.10 -14.54
N VAL B 475 -38.41 20.92 -14.55
CA VAL B 475 -38.34 22.08 -13.68
C VAL B 475 -39.56 22.97 -13.79
N ASP B 476 -39.89 23.39 -15.01
CA ASP B 476 -40.89 24.43 -15.20
C ASP B 476 -42.32 24.05 -14.85
N ILE B 477 -42.75 22.86 -15.29
CA ILE B 477 -44.06 22.41 -14.88
C ILE B 477 -44.15 22.20 -13.35
N LEU B 478 -43.01 21.96 -12.70
CA LEU B 478 -42.96 21.91 -11.23
C LEU B 478 -43.19 23.31 -10.64
N GLU B 479 -42.53 24.30 -11.22
CA GLU B 479 -42.70 25.66 -10.73
C GLU B 479 -44.17 26.06 -10.88
N ASP B 480 -44.73 25.74 -12.03
CA ASP B 480 -46.14 26.07 -12.32
C ASP B 480 -47.07 25.41 -11.30
N ALA B 481 -46.66 24.29 -10.74
CA ALA B 481 -47.46 23.60 -9.73
C ALA B 481 -47.22 24.19 -8.35
N GLY B 482 -46.45 25.26 -8.30
CA GLY B 482 -46.23 25.95 -7.04
C GLY B 482 -44.86 25.80 -6.42
N LEU B 483 -44.08 24.82 -6.87
CA LEU B 483 -42.73 24.67 -6.32
C LEU B 483 -41.84 25.82 -6.76
N VAL B 484 -41.03 26.32 -5.83
CA VAL B 484 -40.08 27.40 -6.12
C VAL B 484 -38.62 26.91 -6.08
N VAL B 485 -37.92 27.10 -7.18
CA VAL B 485 -36.46 26.99 -7.16
C VAL B 485 -35.89 28.30 -6.65
N SER B 486 -35.35 28.30 -5.44
CA SER B 486 -34.79 29.53 -4.89
C SER B 486 -33.26 29.52 -4.94
N GLY B 487 -32.70 28.43 -5.46
CA GLY B 487 -31.27 28.28 -5.49
C GLY B 487 -30.81 27.41 -6.62
N ILE B 488 -29.91 27.97 -7.42
CA ILE B 488 -29.32 27.23 -8.54
C ILE B 488 -27.80 27.45 -8.57
N SER B 489 -27.10 26.46 -9.11
CA SER B 489 -25.65 26.55 -9.31
C SER B 489 -25.28 27.53 -10.42
N GLU B 490 -24.01 27.94 -10.47
CA GLU B 490 -23.54 28.89 -11.48
C GLU B 490 -23.89 28.44 -12.91
N ASN B 491 -23.96 27.13 -13.10
CA ASN B 491 -24.31 26.56 -14.40
C ASN B 491 -25.74 26.02 -14.41
N GLY B 492 -26.56 26.52 -13.50
CA GLY B 492 -27.99 26.31 -13.58
C GLY B 492 -28.63 25.09 -12.93
N LEU B 493 -27.84 24.22 -12.34
CA LEU B 493 -28.41 23.11 -11.58
C LEU B 493 -29.19 23.57 -10.33
N VAL B 494 -30.32 22.92 -10.04
CA VAL B 494 -31.14 23.37 -8.91
C VAL B 494 -30.55 22.96 -7.56
N GLU B 495 -30.43 23.94 -6.69
CA GLU B 495 -29.76 23.77 -5.42
C GLU B 495 -30.75 23.77 -4.25
N ILE B 496 -31.58 24.80 -4.18
CA ILE B 496 -32.58 24.93 -3.12
C ILE B 496 -33.99 25.04 -3.69
N ILE B 497 -34.86 24.16 -3.23
CA ILE B 497 -36.30 24.31 -3.48
C ILE B 497 -37.04 24.76 -2.23
N GLU B 498 -38.16 25.44 -2.44
CA GLU B 498 -39.02 25.79 -1.32
C GLU B 498 -40.49 25.82 -1.71
N LEU B 499 -41.36 25.80 -0.71
CA LEU B 499 -42.80 25.97 -0.90
C LEU B 499 -43.26 27.13 -0.01
N PRO B 500 -43.51 28.32 -0.63
CA PRO B 500 -43.85 29.52 0.17
C PRO B 500 -45.23 29.34 0.84
N SER B 501 -46.06 28.51 0.24
CA SER B 501 -47.37 28.17 0.78
C SER B 501 -47.31 27.63 2.21
N ASN B 502 -46.17 27.06 2.57
CA ASN B 502 -45.99 26.53 3.91
C ASN B 502 -45.19 27.48 4.80
N LYS B 503 -45.36 27.38 6.11
CA LYS B 503 -44.60 28.19 7.05
C LYS B 503 -43.10 27.99 6.82
N PHE B 504 -42.68 26.72 6.82
CA PHE B 504 -41.29 26.38 6.54
C PHE B 504 -41.10 25.02 5.88
N PHE B 505 -40.89 25.07 4.58
CA PHE B 505 -40.64 23.86 3.82
C PHE B 505 -39.43 24.14 2.90
N VAL B 506 -38.27 23.60 3.27
CA VAL B 506 -37.04 23.85 2.52
C VAL B 506 -36.25 22.55 2.29
N ALA B 507 -35.73 22.38 1.08
CA ALA B 507 -34.80 21.30 0.84
C ALA B 507 -33.56 21.75 0.10
N THR B 508 -32.48 21.02 0.29
CA THR B 508 -31.25 21.39 -0.39
C THR B 508 -30.41 20.15 -0.74
N GLN B 509 -29.89 20.12 -1.98
CA GLN B 509 -28.85 19.15 -2.39
C GLN B 509 -27.66 19.17 -1.44
N ALA B 510 -27.13 20.38 -1.16
CA ALA B 510 -25.93 20.55 -0.31
C ALA B 510 -26.03 20.08 1.14
N HIS B 511 -24.93 20.25 1.88
CA HIS B 511 -24.88 19.91 3.29
C HIS B 511 -24.43 21.09 4.15
N PRO B 512 -25.37 21.98 4.49
CA PRO B 512 -25.03 23.19 5.25
C PRO B 512 -24.61 22.87 6.68
N GLU B 513 -24.94 21.67 7.16
CA GLU B 513 -24.57 21.26 8.51
C GLU B 513 -23.04 21.20 8.74
N PHE B 514 -22.28 20.89 7.69
CA PHE B 514 -20.83 20.83 7.77
C PHE B 514 -20.23 22.23 8.08
N LYS B 515 -20.96 23.29 7.77
CA LYS B 515 -20.40 24.60 8.09
C LYS B 515 -20.86 25.13 9.45
N SER B 516 -21.73 24.40 10.14
CA SER B 516 -22.27 24.92 11.40
C SER B 516 -21.20 25.02 12.48
N ARG B 517 -21.13 26.17 13.13
CA ARG B 517 -20.29 26.31 14.30
C ARG B 517 -21.17 26.73 15.45
N PRO B 518 -20.77 26.36 16.67
CA PRO B 518 -21.40 26.78 17.94
C PRO B 518 -21.69 28.28 17.95
N THR B 519 -20.76 29.04 17.41
CA THR B 519 -20.87 30.48 17.43
C THR B 519 -21.32 30.97 16.06
N ASN B 520 -21.51 30.02 15.14
CA ASN B 520 -21.89 30.41 13.79
C ASN B 520 -22.77 29.36 13.10
N PRO B 521 -24.04 29.27 13.53
CA PRO B 521 -24.96 28.22 13.07
C PRO B 521 -25.21 28.33 11.56
N SER B 522 -25.47 27.21 10.91
CA SER B 522 -25.93 27.26 9.52
C SER B 522 -27.19 28.11 9.39
N PRO B 523 -27.24 28.98 8.37
CA PRO B 523 -28.44 29.82 8.14
C PRO B 523 -29.70 29.01 7.79
N ILE B 524 -29.55 27.96 6.97
CA ILE B 524 -30.63 27.04 6.67
C ILE B 524 -31.20 26.42 7.96
N TYR B 525 -30.31 25.98 8.83
CA TYR B 525 -30.72 25.35 10.09
C TYR B 525 -31.29 26.38 11.06
N LEU B 526 -30.90 27.64 10.90
CA LEU B 526 -31.45 28.72 11.70
C LEU B 526 -32.94 28.91 11.36
N GLY B 527 -33.22 29.19 10.09
CA GLY B 527 -34.59 29.34 9.66
C GLY B 527 -35.48 28.16 10.03
N PHE B 528 -34.96 26.96 9.87
CA PHE B 528 -35.74 25.78 10.22
C PHE B 528 -36.07 25.77 11.71
N ILE B 529 -35.10 26.08 12.55
CA ILE B 529 -35.27 25.96 13.99
C ILE B 529 -36.15 27.09 14.55
N ARG B 530 -36.11 28.25 13.90
CA ARG B 530 -37.02 29.33 14.27
C ARG B 530 -38.45 28.95 13.90
N ALA B 531 -38.65 28.58 12.64
CA ALA B 531 -39.96 28.13 12.18
C ALA B 531 -40.49 27.03 13.10
N VAL B 532 -39.65 26.06 13.38
CA VAL B 532 -40.05 24.93 14.22
C VAL B 532 -40.56 25.43 15.57
N ALA B 533 -39.74 26.26 16.22
CA ALA B 533 -40.03 26.76 17.55
C ALA B 533 -41.22 27.70 17.52
N SER B 534 -41.79 27.86 16.33
CA SER B 534 -42.85 28.83 16.10
C SER B 534 -42.30 30.21 16.42
#